data_3W5S
#
_entry.id   3W5S
#
_cell.length_a   56.855
_cell.length_b   121.150
_cell.length_c   94.109
_cell.angle_alpha   90.00
_cell.angle_beta   101.48
_cell.angle_gamma   90.00
#
_symmetry.space_group_name_H-M   'C 1 2 1'
#
loop_
_entity.id
_entity.type
_entity.pdbx_description
1 polymer 'Maleylacetate reductase'
2 non-polymer 'SULFATE ION'
3 non-polymer BENZAMIDINE
4 non-polymer GLYCEROL
5 water water
#
_entity_poly.entity_id   1
_entity_poly.type   'polypeptide(L)'
_entity_poly.pdbx_seq_one_letter_code
;MGSSHHHHHHSSGLVPRGSHMQPFVYTTAPARIVFGTGSSVGVAEEIRRLGLSRALVLSTPHQKGDAEALAARLGPLAAG
VFSDAAMHTPVEVTKRAVEAYRAAGADCVVSLGGGSTTGLGKAIALRTDAPQIVIPTTYAGSEVTPILGQTENGVKTTLR
GPEILPEVVIYDAELTLGLPVGISMTSGLNAMAHAAEALYARDRNPIASMMAVEGLRAMIEALPGVRMEPQDTKARETAL
YGAWLCGTVLGAVGMSLHHKLCHTLGGSLDLPHAETHAVLLPYTIAYVEQAVPDQLAPLAALVGGRAGTGLYDFAARLGA
PASLAALGVGGEDLDAMAELATANPYWCPRPVEKTAIRALLQRAFEGARPE
;
_entity_poly.pdbx_strand_id   A,B
#
loop_
_chem_comp.id
_chem_comp.type
_chem_comp.name
_chem_comp.formula
BEN non-polymer BENZAMIDINE 'C7 H8 N2'
GOL non-polymer GLYCEROL 'C3 H8 O3'
SO4 non-polymer 'SULFATE ION' 'O4 S -2'
#
# COMPACT_ATOMS: atom_id res chain seq x y z
N MET A 21 -7.36 18.91 2.44
CA MET A 21 -6.37 17.81 2.59
C MET A 21 -4.95 18.36 2.61
N GLN A 22 -4.14 17.83 3.53
CA GLN A 22 -2.71 18.13 3.54
C GLN A 22 -2.10 17.42 2.33
N PRO A 23 -1.12 18.05 1.65
CA PRO A 23 -0.41 17.31 0.60
C PRO A 23 0.44 16.19 1.15
N PHE A 24 0.72 15.21 0.31
CA PHE A 24 1.48 14.05 0.70
C PHE A 24 2.14 13.41 -0.51
N VAL A 25 3.05 12.51 -0.20
CA VAL A 25 3.67 11.63 -1.17
C VAL A 25 3.46 10.23 -0.65
N TYR A 26 3.04 9.33 -1.53
CA TYR A 26 2.89 7.93 -1.21
C TYR A 26 3.81 7.18 -2.15
N THR A 27 4.65 6.30 -1.61
CA THR A 27 5.65 5.59 -2.40
C THR A 27 5.56 4.10 -2.12
N THR A 28 5.62 3.31 -3.18
CA THR A 28 5.75 1.85 -3.08
C THR A 28 7.07 1.43 -3.72
N ALA A 29 7.64 0.36 -3.17
CA ALA A 29 8.86 -0.25 -3.68
C ALA A 29 8.57 -1.71 -4.02
N PRO A 30 9.45 -2.38 -4.77
CA PRO A 30 9.18 -3.76 -5.17
C PRO A 30 9.30 -4.74 -4.02
N ALA A 31 8.22 -5.49 -3.76
CA ALA A 31 8.21 -6.54 -2.74
C ALA A 31 7.08 -7.52 -3.02
N ARG A 32 7.27 -8.73 -2.51
CA ARG A 32 6.33 -9.83 -2.68
C ARG A 32 6.09 -10.40 -1.30
N ILE A 33 4.85 -10.27 -0.83
CA ILE A 33 4.47 -10.67 0.52
C ILE A 33 3.51 -11.83 0.42
N VAL A 34 3.94 -12.99 0.91
CA VAL A 34 3.12 -14.20 0.93
C VAL A 34 2.57 -14.39 2.33
N PHE A 35 1.25 -14.51 2.48
CA PHE A 35 0.67 -14.55 3.82
C PHE A 35 -0.32 -15.70 3.90
N GLY A 36 -0.12 -16.57 4.88
CA GLY A 36 -1.09 -17.64 5.12
C GLY A 36 -0.55 -18.69 6.05
N THR A 37 -1.41 -19.30 6.86
CA THR A 37 -0.97 -20.40 7.71
C THR A 37 -0.54 -21.56 6.84
N GLY A 38 0.64 -22.10 7.17
CA GLY A 38 1.29 -23.13 6.37
C GLY A 38 2.04 -22.63 5.15
N SER A 39 2.08 -21.32 4.93
CA SER A 39 2.70 -20.78 3.70
C SER A 39 4.21 -21.04 3.61
N SER A 40 4.83 -21.36 4.74
CA SER A 40 6.27 -21.57 4.79
C SER A 40 6.68 -22.88 4.10
N VAL A 41 5.71 -23.70 3.72
CA VAL A 41 6.02 -24.87 2.88
C VAL A 41 6.57 -24.42 1.53
N GLY A 42 6.32 -23.16 1.18
CA GLY A 42 6.67 -22.60 -0.13
C GLY A 42 8.05 -21.98 -0.25
N VAL A 43 8.91 -22.17 0.76
CA VAL A 43 10.21 -21.48 0.75
C VAL A 43 11.02 -21.88 -0.50
N ALA A 44 11.08 -23.18 -0.79
CA ALA A 44 11.79 -23.68 -1.97
C ALA A 44 11.31 -23.03 -3.26
N GLU A 45 9.99 -22.98 -3.44
CA GLU A 45 9.40 -22.38 -4.63
C GLU A 45 9.77 -20.91 -4.74
N GLU A 46 9.84 -20.22 -3.60
CA GLU A 46 10.19 -18.80 -3.61
C GLU A 46 11.64 -18.59 -3.99
N ILE A 47 12.53 -19.48 -3.55
CA ILE A 47 13.93 -19.43 -3.99
C ILE A 47 14.02 -19.62 -5.51
N ARG A 48 13.31 -20.62 -6.03
CA ARG A 48 13.31 -20.90 -7.47
C ARG A 48 12.67 -19.78 -8.30
N ARG A 49 11.65 -19.13 -7.74
CA ARG A 49 10.94 -18.07 -8.42
C ARG A 49 11.88 -16.88 -8.68
N LEU A 50 12.84 -16.69 -7.77
CA LEU A 50 13.86 -15.67 -7.91
C LEU A 50 14.99 -16.06 -8.87
N GLY A 51 14.97 -17.30 -9.35
CA GLY A 51 16.00 -17.83 -10.23
C GLY A 51 17.27 -18.20 -9.47
N LEU A 52 17.12 -18.44 -8.16
CA LEU A 52 18.26 -18.70 -7.28
C LEU A 52 18.31 -20.16 -6.82
N SER A 53 19.40 -20.57 -6.18
CA SER A 53 19.56 -21.98 -5.85
C SER A 53 20.45 -22.31 -4.66
N ARG A 54 21.03 -21.31 -3.99
CA ARG A 54 21.92 -21.60 -2.86
C ARG A 54 21.72 -20.63 -1.70
N ALA A 55 20.74 -20.92 -0.86
CA ALA A 55 20.41 -20.02 0.25
C ALA A 55 21.29 -20.22 1.50
N LEU A 56 21.74 -19.13 2.12
CA LEU A 56 22.32 -19.19 3.46
C LEU A 56 21.17 -18.95 4.43
N VAL A 57 20.82 -19.94 5.23
CA VAL A 57 19.74 -19.78 6.21
C VAL A 57 20.30 -19.13 7.47
N LEU A 58 19.66 -18.06 7.90
CA LEU A 58 20.10 -17.26 9.05
C LEU A 58 19.16 -17.43 10.22
N SER A 59 19.74 -17.46 11.41
CA SER A 59 18.97 -17.42 12.67
C SER A 59 19.80 -16.81 13.80
N THR A 60 19.12 -16.53 14.91
CA THR A 60 19.78 -16.40 16.20
C THR A 60 19.96 -17.81 16.80
N PRO A 61 20.67 -17.91 17.92
CA PRO A 61 20.76 -19.22 18.57
C PRO A 61 19.41 -19.77 19.06
N HIS A 62 18.45 -18.87 19.25
CA HIS A 62 17.14 -19.19 19.78
C HIS A 62 16.29 -19.98 18.79
N GLN A 63 16.67 -19.96 17.52
CA GLN A 63 15.97 -20.73 16.50
C GLN A 63 16.94 -21.52 15.61
N LYS A 64 18.07 -21.89 16.20
CA LYS A 64 19.06 -22.68 15.49
C LYS A 64 18.51 -23.99 14.91
N GLY A 65 17.81 -24.78 15.72
CA GLY A 65 17.24 -26.05 15.26
C GLY A 65 16.24 -25.84 14.14
N ASP A 66 15.39 -24.82 14.28
CA ASP A 66 14.41 -24.51 13.25
C ASP A 66 15.11 -24.17 11.94
N ALA A 67 16.20 -23.44 12.01
CA ALA A 67 16.96 -23.08 10.82
C ALA A 67 17.60 -24.30 10.16
N GLU A 68 18.11 -25.20 11.00
CA GLU A 68 18.75 -26.43 10.49
C GLU A 68 17.74 -27.38 9.83
N ALA A 69 16.56 -27.45 10.43
CA ALA A 69 15.47 -28.23 9.88
C ALA A 69 15.02 -27.65 8.55
N LEU A 70 14.87 -26.31 8.47
CA LEU A 70 14.53 -25.68 7.20
C LEU A 70 15.61 -25.95 6.13
N ALA A 71 16.87 -25.80 6.51
CA ALA A 71 17.97 -26.10 5.59
C ALA A 71 17.91 -27.53 5.06
N ALA A 72 17.61 -28.46 5.95
CA ALA A 72 17.48 -29.87 5.55
C ALA A 72 16.32 -30.05 4.57
N ARG A 73 15.20 -29.40 4.84
CA ARG A 73 14.05 -29.44 3.94
C ARG A 73 14.39 -28.88 2.56
N LEU A 74 15.17 -27.79 2.53
CA LEU A 74 15.62 -27.20 1.27
C LEU A 74 16.58 -28.06 0.45
N GLY A 75 17.32 -28.94 1.12
CA GLY A 75 18.22 -29.86 0.41
C GLY A 75 19.25 -29.08 -0.40
N PRO A 76 19.30 -29.33 -1.73
CA PRO A 76 20.31 -28.71 -2.58
C PRO A 76 20.15 -27.20 -2.71
N LEU A 77 19.00 -26.69 -2.29
CA LEU A 77 18.75 -25.23 -2.31
C LEU A 77 19.33 -24.50 -1.11
N ALA A 78 19.83 -25.23 -0.11
CA ALA A 78 20.48 -24.59 1.03
C ALA A 78 21.99 -24.72 0.93
N ALA A 79 22.69 -23.60 1.07
CA ALA A 79 24.14 -23.58 1.03
C ALA A 79 24.77 -23.69 2.43
N GLY A 80 23.97 -23.46 3.46
CA GLY A 80 24.48 -23.50 4.83
C GLY A 80 23.56 -22.79 5.80
N VAL A 81 23.96 -22.79 7.07
CA VAL A 81 23.20 -22.17 8.14
C VAL A 81 24.18 -21.29 8.93
N PHE A 82 23.78 -20.04 9.19
CA PHE A 82 24.52 -19.22 10.12
C PHE A 82 23.55 -18.84 11.22
N SER A 83 23.77 -19.40 12.41
CA SER A 83 22.80 -19.31 13.51
C SER A 83 23.27 -18.38 14.64
N ASP A 84 24.12 -17.41 14.31
CA ASP A 84 24.73 -16.55 15.32
C ASP A 84 24.29 -15.05 15.26
N ALA A 85 23.13 -14.79 14.65
CA ALA A 85 22.57 -13.43 14.67
C ALA A 85 22.45 -12.90 16.09
N ALA A 86 22.72 -11.61 16.25
CA ALA A 86 22.79 -10.95 17.56
C ALA A 86 21.95 -9.69 17.63
N MET A 87 21.40 -9.44 18.81
CA MET A 87 20.61 -8.23 19.00
C MET A 87 21.45 -6.98 18.67
N HIS A 88 20.79 -6.03 18.02
CA HIS A 88 21.40 -4.72 17.67
C HIS A 88 22.37 -4.77 16.48
N THR A 89 22.46 -5.92 15.83
CA THR A 89 23.19 -6.12 14.57
C THR A 89 24.60 -5.48 14.64
N PRO A 90 25.45 -5.98 15.55
CA PRO A 90 26.80 -5.45 15.70
C PRO A 90 27.65 -5.79 14.46
N VAL A 91 28.47 -4.86 14.03
CA VAL A 91 29.27 -5.05 12.82
C VAL A 91 30.19 -6.28 12.85
N GLU A 92 30.63 -6.67 14.05
CA GLU A 92 31.53 -7.84 14.19
C GLU A 92 30.87 -9.14 13.77
N VAL A 93 29.58 -9.26 14.07
CA VAL A 93 28.83 -10.45 13.72
C VAL A 93 28.53 -10.43 12.23
N THR A 94 28.16 -9.26 11.70
CA THR A 94 27.94 -9.12 10.27
C THR A 94 29.17 -9.53 9.49
N LYS A 95 30.36 -9.13 9.96
CA LYS A 95 31.59 -9.46 9.27
C LYS A 95 31.75 -10.99 9.17
N ARG A 96 31.44 -11.72 10.25
CA ARG A 96 31.48 -13.20 10.25
C ARG A 96 30.49 -13.78 9.27
N ALA A 97 29.28 -13.22 9.29
CA ALA A 97 28.21 -13.74 8.47
C ALA A 97 28.48 -13.54 6.98
N VAL A 98 29.03 -12.38 6.62
CA VAL A 98 29.40 -12.11 5.23
C VAL A 98 30.50 -13.08 4.76
N GLU A 99 31.47 -13.32 5.62
CA GLU A 99 32.52 -14.30 5.31
C GLU A 99 31.89 -15.67 5.08
N ALA A 100 30.88 -16.02 5.89
CA ALA A 100 30.22 -17.31 5.76
C ALA A 100 29.41 -17.38 4.47
N TYR A 101 28.73 -16.28 4.14
CA TYR A 101 27.97 -16.15 2.91
C TYR A 101 28.85 -16.38 1.70
N ARG A 102 30.01 -15.74 1.71
CA ARG A 102 30.94 -15.84 0.59
C ARG A 102 31.49 -17.25 0.53
N ALA A 103 31.97 -17.76 1.66
CA ALA A 103 32.61 -19.09 1.66
C ALA A 103 31.64 -20.20 1.26
N ALA A 104 30.37 -20.05 1.63
CA ALA A 104 29.35 -21.07 1.30
C ALA A 104 28.87 -21.04 -0.15
N GLY A 105 29.26 -20.01 -0.90
CA GLY A 105 28.80 -19.83 -2.26
C GLY A 105 27.32 -19.53 -2.35
N ALA A 106 26.77 -18.90 -1.29
CA ALA A 106 25.35 -18.59 -1.26
C ALA A 106 25.01 -17.54 -2.32
N ASP A 107 23.77 -17.56 -2.80
CA ASP A 107 23.29 -16.53 -3.73
C ASP A 107 22.09 -15.78 -3.17
N CYS A 108 21.75 -16.08 -1.92
CA CYS A 108 20.69 -15.37 -1.22
C CYS A 108 20.72 -15.72 0.25
N VAL A 109 19.96 -14.98 1.05
CA VAL A 109 19.76 -15.32 2.46
C VAL A 109 18.29 -15.61 2.73
N VAL A 110 18.03 -16.61 3.58
CA VAL A 110 16.71 -16.87 4.09
C VAL A 110 16.77 -16.55 5.57
N SER A 111 16.05 -15.49 5.98
CA SER A 111 16.13 -15.01 7.34
C SER A 111 14.98 -15.53 8.18
N LEU A 112 15.24 -16.60 8.92
CA LEU A 112 14.19 -17.24 9.72
C LEU A 112 14.29 -16.72 11.14
N GLY A 113 13.34 -15.90 11.56
CA GLY A 113 13.38 -15.43 12.94
C GLY A 113 12.83 -14.04 13.14
N GLY A 114 13.25 -13.45 14.25
CA GLY A 114 12.78 -12.11 14.62
C GLY A 114 13.60 -10.98 14.01
N GLY A 115 13.47 -9.81 14.63
CA GLY A 115 14.11 -8.62 14.11
C GLY A 115 15.63 -8.69 14.05
N SER A 116 16.24 -9.39 15.01
CA SER A 116 17.68 -9.54 14.93
C SER A 116 18.10 -10.36 13.70
N THR A 117 17.35 -11.40 13.38
CA THR A 117 17.69 -12.20 12.22
C THR A 117 17.43 -11.42 10.93
N THR A 118 16.31 -10.71 10.87
CA THR A 118 16.05 -9.90 9.68
C THR A 118 17.17 -8.86 9.49
N GLY A 119 17.56 -8.22 10.61
CA GLY A 119 18.64 -7.23 10.60
C GLY A 119 19.95 -7.77 10.05
N LEU A 120 20.32 -8.99 10.48
CA LEU A 120 21.52 -9.61 9.92
C LEU A 120 21.42 -9.81 8.42
N GLY A 121 20.30 -10.33 7.95
CA GLY A 121 20.10 -10.51 6.51
C GLY A 121 20.25 -9.19 5.75
N LYS A 122 19.68 -8.12 6.33
CA LYS A 122 19.79 -6.80 5.71
C LYS A 122 21.23 -6.33 5.68
N ALA A 123 21.99 -6.60 6.74
CA ALA A 123 23.37 -6.16 6.82
C ALA A 123 24.25 -6.94 5.81
N ILE A 124 23.92 -8.22 5.63
CA ILE A 124 24.57 -9.03 4.59
C ILE A 124 24.22 -8.49 3.20
N ALA A 125 22.94 -8.19 2.97
CA ALA A 125 22.49 -7.66 1.68
C ALA A 125 23.19 -6.34 1.35
N LEU A 126 23.35 -5.47 2.34
CA LEU A 126 24.01 -4.18 2.14
C LEU A 126 25.42 -4.37 1.59
N ARG A 127 26.12 -5.39 2.10
CA ARG A 127 27.53 -5.63 1.75
C ARG A 127 27.74 -6.51 0.52
N THR A 128 26.75 -7.35 0.19
CA THR A 128 26.90 -8.38 -0.85
C THR A 128 25.88 -8.33 -1.99
N ASP A 129 24.83 -7.52 -1.84
CA ASP A 129 23.67 -7.50 -2.75
C ASP A 129 22.82 -8.77 -2.70
N ALA A 130 23.04 -9.62 -1.68
CA ALA A 130 22.23 -10.84 -1.53
C ALA A 130 20.74 -10.52 -1.52
N PRO A 131 19.95 -11.20 -2.38
CA PRO A 131 18.51 -11.18 -2.22
C PRO A 131 18.12 -11.81 -0.89
N GLN A 132 17.03 -11.30 -0.31
CA GLN A 132 16.54 -11.79 0.97
C GLN A 132 15.16 -12.38 0.86
N ILE A 133 14.97 -13.58 1.41
CA ILE A 133 13.66 -14.15 1.67
C ILE A 133 13.50 -14.20 3.18
N VAL A 134 12.57 -13.43 3.71
CA VAL A 134 12.44 -13.30 5.15
C VAL A 134 11.22 -14.05 5.65
N ILE A 135 11.43 -14.81 6.72
CA ILE A 135 10.36 -15.62 7.33
C ILE A 135 10.23 -15.13 8.79
N PRO A 136 9.39 -14.11 9.03
CA PRO A 136 9.34 -13.53 10.40
C PRO A 136 8.63 -14.41 11.39
N THR A 137 9.16 -14.46 12.61
CA THR A 137 8.53 -15.27 13.64
C THR A 137 8.21 -14.42 14.89
N THR A 138 8.36 -13.11 14.74
CA THR A 138 7.96 -12.17 15.82
C THR A 138 7.14 -11.03 15.22
N TYR A 139 6.93 -9.97 16.00
CA TYR A 139 6.18 -8.82 15.52
C TYR A 139 7.06 -7.60 15.21
N ALA A 140 8.36 -7.83 15.06
CA ALA A 140 9.32 -6.73 14.79
C ALA A 140 9.03 -5.90 13.53
N GLY A 141 8.51 -6.56 12.48
CA GLY A 141 8.13 -5.84 11.27
C GLY A 141 9.28 -5.43 10.37
N SER A 142 10.52 -5.77 10.73
CA SER A 142 11.68 -5.37 9.97
C SER A 142 11.66 -5.92 8.54
N GLU A 143 10.98 -7.04 8.35
CA GLU A 143 10.90 -7.70 7.05
C GLU A 143 10.32 -6.86 5.93
N VAL A 144 9.55 -5.82 6.27
CA VAL A 144 8.92 -4.96 5.25
C VAL A 144 9.40 -3.52 5.29
N THR A 145 10.59 -3.28 5.84
CA THR A 145 11.13 -1.92 5.84
C THR A 145 12.47 -1.89 5.14
N PRO A 146 12.84 -0.72 4.59
CA PRO A 146 14.15 -0.54 3.97
C PRO A 146 15.15 0.03 4.97
N ILE A 147 14.87 -0.14 6.27
CA ILE A 147 15.68 0.50 7.33
C ILE A 147 16.57 -0.54 7.98
N LEU A 148 17.83 -0.19 8.21
CA LEU A 148 18.75 -1.05 8.96
C LEU A 148 19.46 -0.28 10.04
N GLY A 149 19.41 -0.79 11.27
CA GLY A 149 20.21 -0.25 12.37
C GLY A 149 21.36 -1.19 12.65
N GLN A 150 22.56 -0.64 12.76
CA GLN A 150 23.75 -1.44 13.05
C GLN A 150 24.51 -0.79 14.18
N THR A 151 25.15 -1.60 15.00
CA THR A 151 25.87 -1.07 16.14
C THR A 151 27.37 -1.23 15.98
N GLU A 152 28.06 -0.13 16.22
CA GLU A 152 29.51 -0.11 16.12
C GLU A 152 30.02 0.89 17.15
N ASN A 153 30.99 0.43 17.92
CA ASN A 153 31.61 1.23 18.97
C ASN A 153 30.61 1.94 19.88
N GLY A 154 29.62 1.16 20.31
CA GLY A 154 28.62 1.61 21.29
C GLY A 154 27.54 2.53 20.77
N VAL A 155 27.44 2.68 19.45
CA VAL A 155 26.43 3.55 18.86
C VAL A 155 25.71 2.78 17.76
N LYS A 156 24.39 2.82 17.81
CA LYS A 156 23.55 2.25 16.76
C LYS A 156 23.20 3.37 15.80
N THR A 157 23.43 3.14 14.52
CA THR A 157 23.08 4.13 13.52
C THR A 157 22.17 3.49 12.49
N THR A 158 21.21 4.25 11.97
N THR A 158 21.26 4.29 11.95
CA THR A 158 20.27 3.73 10.99
CA THR A 158 20.26 3.82 11.00
C THR A 158 20.55 4.26 9.59
C THR A 158 20.63 4.25 9.57
N LEU A 159 20.31 3.38 8.62
CA LEU A 159 20.41 3.67 7.20
C LEU A 159 19.11 3.21 6.57
N ARG A 160 18.76 3.85 5.46
CA ARG A 160 17.59 3.45 4.68
C ARG A 160 17.99 3.45 3.22
N GLY A 161 17.58 2.40 2.48
CA GLY A 161 17.85 2.35 1.04
C GLY A 161 17.26 1.11 0.40
N PRO A 162 17.17 1.13 -0.94
CA PRO A 162 16.58 0.03 -1.67
C PRO A 162 17.33 -1.28 -1.50
N GLU A 163 18.65 -1.20 -1.25
CA GLU A 163 19.48 -2.39 -1.07
C GLU A 163 19.03 -3.18 0.14
N ILE A 164 18.39 -2.50 1.08
CA ILE A 164 18.04 -3.07 2.38
C ILE A 164 16.68 -3.76 2.37
N LEU A 165 15.74 -3.24 1.58
CA LEU A 165 14.36 -3.78 1.58
C LEU A 165 14.33 -5.25 1.11
N PRO A 166 13.79 -6.16 1.94
CA PRO A 166 13.76 -7.56 1.48
C PRO A 166 12.88 -7.77 0.26
N GLU A 167 13.36 -8.61 -0.65
CA GLU A 167 12.61 -8.94 -1.85
C GLU A 167 11.32 -9.72 -1.58
N VAL A 168 11.38 -10.68 -0.65
CA VAL A 168 10.28 -11.60 -0.45
C VAL A 168 10.09 -11.83 1.02
N VAL A 169 8.83 -11.84 1.45
CA VAL A 169 8.48 -12.12 2.86
C VAL A 169 7.43 -13.20 2.88
N ILE A 170 7.60 -14.17 3.77
CA ILE A 170 6.64 -15.28 3.93
C ILE A 170 6.13 -15.23 5.36
N TYR A 171 4.85 -14.89 5.51
CA TYR A 171 4.18 -14.81 6.83
C TYR A 171 3.38 -16.07 7.06
N ASP A 172 3.80 -16.85 8.03
CA ASP A 172 3.13 -18.11 8.37
C ASP A 172 2.88 -18.09 9.87
N ALA A 173 1.64 -17.82 10.27
CA ALA A 173 1.34 -17.70 11.69
C ALA A 173 1.66 -18.96 12.50
N GLU A 174 1.68 -20.12 11.86
CA GLU A 174 2.04 -21.35 12.58
C GLU A 174 3.44 -21.28 13.17
N LEU A 175 4.29 -20.44 12.56
CA LEU A 175 5.68 -20.31 13.00
C LEU A 175 5.83 -19.39 14.21
N THR A 176 4.73 -18.80 14.65
CA THR A 176 4.73 -17.93 15.81
C THR A 176 4.12 -18.57 17.07
N LEU A 177 3.57 -19.78 16.93
CA LEU A 177 2.97 -20.45 18.08
C LEU A 177 3.94 -20.64 19.22
N GLY A 178 5.20 -20.90 18.89
CA GLY A 178 6.22 -21.12 19.91
C GLY A 178 6.88 -19.89 20.48
N LEU A 179 6.47 -18.70 20.05
CA LEU A 179 7.08 -17.48 20.58
C LEU A 179 6.63 -17.30 22.03
N PRO A 180 7.58 -17.26 22.97
CA PRO A 180 7.18 -17.19 24.39
C PRO A 180 6.29 -15.99 24.65
N VAL A 181 5.40 -16.10 25.64
N VAL A 181 5.42 -16.09 25.64
CA VAL A 181 4.39 -15.06 25.89
CA VAL A 181 4.37 -15.09 25.79
C VAL A 181 5.00 -13.71 26.15
C VAL A 181 4.89 -13.72 26.25
N GLY A 182 5.96 -13.67 27.07
CA GLY A 182 6.57 -12.39 27.48
C GLY A 182 7.07 -11.59 26.30
N ILE A 183 7.90 -12.20 25.46
CA ILE A 183 8.43 -11.53 24.28
C ILE A 183 7.36 -11.31 23.21
N SER A 184 6.32 -12.15 23.20
CA SER A 184 5.19 -11.90 22.33
C SER A 184 4.55 -10.55 22.68
N MET A 185 4.42 -10.27 23.97
CA MET A 185 3.80 -9.00 24.38
C MET A 185 4.69 -7.80 24.06
N THR A 186 5.98 -7.89 24.39
CA THR A 186 6.85 -6.73 24.13
C THR A 186 7.15 -6.56 22.64
N SER A 187 7.30 -7.67 21.90
CA SER A 187 7.43 -7.54 20.44
C SER A 187 6.15 -6.93 19.87
N GLY A 188 5.00 -7.32 20.43
CA GLY A 188 3.72 -6.73 19.99
C GLY A 188 3.68 -5.22 20.19
N LEU A 189 4.18 -4.76 21.35
CA LEU A 189 4.27 -3.32 21.62
C LEU A 189 5.27 -2.63 20.69
N ASN A 190 6.34 -3.33 20.32
CA ASN A 190 7.31 -2.86 19.29
C ASN A 190 6.58 -2.61 17.97
N ALA A 191 5.71 -3.54 17.57
CA ALA A 191 4.90 -3.35 16.34
C ALA A 191 4.02 -2.11 16.50
N MET A 192 3.33 -2.01 17.63
CA MET A 192 2.44 -0.88 17.88
C MET A 192 3.19 0.46 17.81
N ALA A 193 4.44 0.47 18.28
CA ALA A 193 5.27 1.68 18.23
C ALA A 193 5.46 2.17 16.78
N HIS A 194 5.64 1.21 15.86
CA HIS A 194 5.80 1.55 14.45
C HIS A 194 4.57 2.29 13.94
N ALA A 195 3.39 1.74 14.25
CA ALA A 195 2.14 2.33 13.75
C ALA A 195 1.82 3.64 14.45
N ALA A 196 2.12 3.75 15.73
CA ALA A 196 1.82 4.97 16.49
C ALA A 196 2.62 6.12 15.93
N GLU A 197 3.92 5.91 15.72
CA GLU A 197 4.72 7.01 15.18
C GLU A 197 4.38 7.31 13.72
N ALA A 198 3.90 6.31 12.97
CA ALA A 198 3.52 6.56 11.58
C ALA A 198 2.40 7.61 11.50
N LEU A 199 1.58 7.72 12.55
CA LEU A 199 0.49 8.68 12.56
C LEU A 199 0.95 10.13 12.55
N TYR A 200 2.15 10.41 13.04
CA TYR A 200 2.63 11.78 13.09
C TYR A 200 4.00 11.96 12.46
N ALA A 201 4.46 10.96 11.70
CA ALA A 201 5.76 11.04 11.03
C ALA A 201 5.80 12.19 10.04
N ARG A 202 7.01 12.72 9.81
CA ARG A 202 7.19 13.77 8.82
C ARG A 202 6.52 13.44 7.47
N ASP A 203 6.72 12.19 7.02
CA ASP A 203 6.27 11.77 5.70
C ASP A 203 4.96 11.00 5.77
N ARG A 204 4.16 11.29 6.80
CA ARG A 204 2.85 10.64 6.92
C ARG A 204 2.00 10.84 5.68
N ASN A 205 1.11 9.88 5.43
CA ASN A 205 0.14 10.06 4.35
C ASN A 205 -1.14 9.35 4.78
N PRO A 206 -2.29 9.64 4.13
CA PRO A 206 -3.55 9.13 4.64
C PRO A 206 -3.69 7.62 4.52
N ILE A 207 -3.00 7.03 3.54
CA ILE A 207 -3.11 5.57 3.39
C ILE A 207 -2.26 4.83 4.42
N ALA A 208 -1.04 5.28 4.63
CA ALA A 208 -0.23 4.76 5.74
C ALA A 208 -0.95 4.95 7.07
N SER A 209 -1.59 6.10 7.27
CA SER A 209 -2.33 6.32 8.53
C SER A 209 -3.50 5.34 8.68
N MET A 210 -4.26 5.11 7.60
CA MET A 210 -5.33 4.08 7.61
C MET A 210 -4.78 2.71 7.97
N MET A 211 -3.66 2.35 7.35
CA MET A 211 -3.05 1.05 7.61
C MET A 211 -2.51 0.95 9.03
N ALA A 212 -1.95 2.07 9.53
CA ALA A 212 -1.44 2.11 10.91
C ALA A 212 -2.57 1.89 11.91
N VAL A 213 -3.72 2.52 11.67
CA VAL A 213 -4.88 2.32 12.55
C VAL A 213 -5.33 0.84 12.55
N GLU A 214 -5.37 0.23 11.37
CA GLU A 214 -5.79 -1.17 11.28
C GLU A 214 -4.76 -2.08 11.96
N GLY A 215 -3.47 -1.78 11.79
CA GLY A 215 -2.44 -2.55 12.47
C GLY A 215 -2.57 -2.44 13.98
N LEU A 216 -2.76 -1.21 14.47
CA LEU A 216 -2.96 -1.01 15.91
C LEU A 216 -4.19 -1.75 16.43
N ARG A 217 -5.29 -1.68 15.67
CA ARG A 217 -6.52 -2.37 16.03
C ARG A 217 -6.29 -3.87 16.17
N ALA A 218 -5.60 -4.45 15.19
CA ALA A 218 -5.32 -5.87 15.21
C ALA A 218 -4.46 -6.25 16.43
N MET A 219 -3.44 -5.43 16.73
CA MET A 219 -2.56 -5.78 17.86
C MET A 219 -3.31 -5.69 19.19
N ILE A 220 -4.15 -4.67 19.32
CA ILE A 220 -4.90 -4.46 20.55
C ILE A 220 -5.92 -5.58 20.76
N GLU A 221 -6.53 -6.06 19.68
CA GLU A 221 -7.42 -7.22 19.76
C GLU A 221 -6.65 -8.51 20.08
N ALA A 222 -5.53 -8.72 19.37
CA ALA A 222 -4.87 -10.02 19.41
C ALA A 222 -3.97 -10.26 20.62
N LEU A 223 -3.21 -9.24 21.04
CA LEU A 223 -2.22 -9.52 22.10
C LEU A 223 -2.84 -10.06 23.39
N PRO A 224 -3.98 -9.49 23.86
CA PRO A 224 -4.56 -10.14 25.05
C PRO A 224 -5.00 -11.59 24.81
N GLY A 225 -5.41 -11.89 23.58
CA GLY A 225 -5.79 -13.27 23.24
C GLY A 225 -4.59 -14.20 23.25
N VAL A 226 -3.47 -13.70 22.73
CA VAL A 226 -2.21 -14.47 22.72
C VAL A 226 -1.75 -14.71 24.16
N ARG A 227 -1.88 -13.69 25.02
CA ARG A 227 -1.52 -13.85 26.43
C ARG A 227 -2.36 -14.94 27.13
N MET A 228 -3.65 -14.96 26.80
N MET A 228 -3.66 -14.99 26.88
CA MET A 228 -4.66 -15.89 27.35
CA MET A 228 -4.47 -16.03 27.50
C MET A 228 -4.44 -17.33 26.86
C MET A 228 -4.12 -17.40 26.93
N GLU A 229 -3.97 -17.46 25.62
CA GLU A 229 -3.78 -18.76 24.94
C GLU A 229 -2.73 -18.62 23.86
N PRO A 230 -1.46 -18.83 24.21
CA PRO A 230 -0.38 -18.63 23.23
C PRO A 230 -0.42 -19.54 22.02
N GLN A 231 -1.13 -20.66 22.13
CA GLN A 231 -1.29 -21.58 21.01
C GLN A 231 -2.56 -21.31 20.17
N ASP A 232 -3.29 -20.24 20.47
CA ASP A 232 -4.51 -19.85 19.73
C ASP A 232 -4.10 -19.35 18.33
N THR A 233 -4.33 -20.18 17.31
N THR A 233 -4.32 -20.20 17.32
CA THR A 233 -3.93 -19.82 15.95
CA THR A 233 -3.99 -19.86 15.95
C THR A 233 -4.67 -18.59 15.40
C THR A 233 -4.65 -18.56 15.48
N LYS A 234 -5.91 -18.38 15.83
CA LYS A 234 -6.67 -17.19 15.38
C LYS A 234 -6.06 -15.91 15.95
N ALA A 235 -5.77 -15.91 17.24
CA ALA A 235 -5.15 -14.73 17.85
C ALA A 235 -3.74 -14.52 17.27
N ARG A 236 -2.99 -15.61 17.09
CA ARG A 236 -1.67 -15.49 16.46
C ARG A 236 -1.75 -14.96 15.03
N GLU A 237 -2.73 -15.42 14.25
CA GLU A 237 -2.84 -14.91 12.88
C GLU A 237 -3.16 -13.41 12.89
N THR A 238 -4.07 -12.99 13.77
CA THR A 238 -4.40 -11.56 13.87
C THR A 238 -3.19 -10.71 14.27
N ALA A 239 -2.39 -11.20 15.23
CA ALA A 239 -1.20 -10.46 15.67
C ALA A 239 -0.17 -10.34 14.55
N LEU A 240 -0.01 -11.40 13.76
CA LEU A 240 0.97 -11.37 12.68
C LEU A 240 0.52 -10.48 11.52
N TYR A 241 -0.77 -10.53 11.19
CA TYR A 241 -1.37 -9.59 10.27
C TYR A 241 -1.15 -8.15 10.76
N GLY A 242 -1.43 -7.90 12.04
CA GLY A 242 -1.18 -6.56 12.57
C GLY A 242 0.27 -6.16 12.46
N ALA A 243 1.19 -7.08 12.75
CA ALA A 243 2.62 -6.76 12.70
C ALA A 243 3.09 -6.43 11.29
N TRP A 244 2.52 -7.12 10.30
CA TRP A 244 2.79 -6.83 8.90
C TRP A 244 2.39 -5.39 8.57
N LEU A 245 1.18 -4.99 8.98
CA LEU A 245 0.75 -3.63 8.68
C LEU A 245 1.58 -2.58 9.43
N CYS A 246 1.87 -2.86 10.71
CA CYS A 246 2.70 -1.95 11.49
C CYS A 246 4.08 -1.78 10.89
N GLY A 247 4.70 -2.88 10.45
CA GLY A 247 6.03 -2.76 9.82
C GLY A 247 5.95 -2.03 8.49
N THR A 248 4.89 -2.29 7.73
CA THR A 248 4.74 -1.69 6.42
C THR A 248 4.68 -0.17 6.53
N VAL A 249 3.92 0.32 7.52
CA VAL A 249 3.78 1.78 7.62
C VAL A 249 5.06 2.42 8.12
N LEU A 250 5.80 1.76 9.03
CA LEU A 250 7.17 2.20 9.37
C LEU A 250 8.05 2.34 8.12
N GLY A 251 8.06 1.31 7.28
CA GLY A 251 8.85 1.32 6.05
C GLY A 251 8.43 2.43 5.11
N ALA A 252 7.13 2.75 5.11
CA ALA A 252 6.60 3.74 4.16
C ALA A 252 6.88 5.18 4.59
N VAL A 253 6.68 5.50 5.88
CA VAL A 253 6.65 6.90 6.28
C VAL A 253 7.72 7.29 7.28
N GLY A 254 8.42 6.30 7.82
CA GLY A 254 9.54 6.61 8.67
C GLY A 254 9.17 6.66 10.13
N MET A 255 10.04 7.33 10.91
CA MET A 255 9.95 7.24 12.35
C MET A 255 10.39 8.53 13.01
N SER A 256 10.24 8.55 14.33
CA SER A 256 10.37 9.80 15.06
C SER A 256 11.04 9.57 16.42
N LEU A 257 10.73 10.44 17.37
CA LEU A 257 11.38 10.43 18.70
C LEU A 257 11.40 9.07 19.37
N HIS A 258 10.29 8.36 19.34
CA HIS A 258 10.26 7.09 20.04
C HIS A 258 11.32 6.11 19.51
N HIS A 259 11.36 5.94 18.19
CA HIS A 259 12.35 5.05 17.61
C HIS A 259 13.76 5.54 17.87
N LYS A 260 13.98 6.86 17.85
CA LYS A 260 15.30 7.42 18.12
C LYS A 260 15.75 7.03 19.52
N LEU A 261 14.87 7.20 20.50
CA LEU A 261 15.26 6.88 21.88
C LEU A 261 15.51 5.38 22.02
N CYS A 262 14.69 4.55 21.38
CA CYS A 262 14.91 3.10 21.44
C CYS A 262 16.27 2.74 20.84
N HIS A 263 16.61 3.33 19.70
CA HIS A 263 17.89 3.02 19.10
C HIS A 263 19.07 3.51 19.91
N THR A 264 18.90 4.67 20.54
CA THR A 264 19.96 5.24 21.36
C THR A 264 20.24 4.32 22.55
N LEU A 265 19.22 4.03 23.35
CA LEU A 265 19.40 3.21 24.55
C LEU A 265 19.73 1.76 24.20
N GLY A 266 19.03 1.23 23.21
CA GLY A 266 19.22 -0.16 22.80
C GLY A 266 20.65 -0.41 22.41
N GLY A 267 21.15 0.42 21.49
CA GLY A 267 22.49 0.32 20.96
C GLY A 267 23.53 0.50 22.03
N SER A 268 23.44 1.63 22.75
CA SER A 268 24.50 2.06 23.65
C SER A 268 24.55 1.36 25.00
N LEU A 269 23.38 0.97 25.51
CA LEU A 269 23.31 0.21 26.77
C LEU A 269 23.06 -1.27 26.56
N ASP A 270 22.95 -1.71 25.31
CA ASP A 270 22.67 -3.11 24.98
C ASP A 270 21.40 -3.60 25.68
N LEU A 271 20.41 -2.73 25.75
CA LEU A 271 19.14 -3.11 26.36
C LEU A 271 18.35 -4.12 25.50
N PRO A 272 17.56 -5.00 26.15
CA PRO A 272 16.63 -5.84 25.41
C PRO A 272 15.76 -4.92 24.54
N HIS A 273 15.76 -5.20 23.24
CA HIS A 273 15.21 -4.26 22.27
C HIS A 273 13.69 -4.09 22.35
N ALA A 274 12.93 -5.19 22.22
CA ALA A 274 11.46 -5.07 22.29
C ALA A 274 11.02 -4.49 23.62
N GLU A 275 11.71 -4.87 24.69
CA GLU A 275 11.41 -4.36 26.02
C GLU A 275 11.60 -2.87 26.12
N THR A 276 12.63 -2.34 25.45
CA THR A 276 12.90 -0.90 25.45
C THR A 276 11.74 -0.18 24.77
N HIS A 277 11.29 -0.70 23.63
CA HIS A 277 10.06 -0.19 23.02
C HIS A 277 8.87 -0.18 23.95
N ALA A 278 8.64 -1.33 24.60
CA ALA A 278 7.48 -1.46 25.48
C ALA A 278 7.51 -0.43 26.59
N VAL A 279 8.67 -0.25 27.22
CA VAL A 279 8.80 0.69 28.33
C VAL A 279 8.65 2.14 27.87
N LEU A 280 9.28 2.51 26.76
CA LEU A 280 9.30 3.90 26.38
C LEU A 280 7.99 4.38 25.74
N LEU A 281 7.27 3.48 25.09
CA LEU A 281 6.16 3.92 24.20
C LEU A 281 5.10 4.80 24.88
N PRO A 282 4.66 4.48 26.11
CA PRO A 282 3.62 5.37 26.67
C PRO A 282 4.15 6.80 26.87
N TYR A 283 5.45 6.91 27.20
CA TYR A 283 6.04 8.24 27.49
C TYR A 283 6.30 9.03 26.22
N THR A 284 6.82 8.35 25.20
CA THR A 284 7.13 9.08 23.97
C THR A 284 5.83 9.50 23.28
N ILE A 285 4.83 8.60 23.27
CA ILE A 285 3.52 8.99 22.73
C ILE A 285 2.86 10.09 23.56
N ALA A 286 2.89 10.01 24.90
CA ALA A 286 2.34 11.08 25.71
C ALA A 286 3.00 12.43 25.41
N TYR A 287 4.31 12.41 25.19
CA TYR A 287 5.03 13.66 24.88
C TYR A 287 4.56 14.27 23.57
N VAL A 288 4.48 13.46 22.53
CA VAL A 288 4.06 13.97 21.23
C VAL A 288 2.57 14.36 21.26
N GLU A 289 1.78 13.60 22.01
CA GLU A 289 0.32 13.83 22.05
C GLU A 289 -0.05 15.21 22.59
N GLN A 290 0.84 15.81 23.39
CA GLN A 290 0.61 17.15 23.88
C GLN A 290 0.53 18.15 22.74
N ALA A 291 1.28 17.87 21.68
CA ALA A 291 1.38 18.80 20.54
C ALA A 291 0.45 18.50 19.37
N VAL A 292 0.23 17.22 19.09
CA VAL A 292 -0.59 16.79 17.95
C VAL A 292 -1.66 15.77 18.37
N PRO A 293 -2.52 16.15 19.34
CA PRO A 293 -3.47 15.16 19.82
C PRO A 293 -4.43 14.70 18.74
N ASP A 294 -4.71 15.58 17.79
N ASP A 294 -4.77 15.55 17.78
CA ASP A 294 -5.55 15.28 16.65
CA ASP A 294 -5.64 15.09 16.70
C ASP A 294 -4.99 14.15 15.74
C ASP A 294 -4.98 14.00 15.84
N GLN A 295 -3.67 14.11 15.61
CA GLN A 295 -3.00 13.10 14.79
C GLN A 295 -2.98 11.75 15.50
N LEU A 296 -2.95 11.79 16.82
CA LEU A 296 -2.98 10.56 17.62
C LEU A 296 -4.38 10.08 18.02
N ALA A 297 -5.40 10.87 17.67
CA ALA A 297 -6.79 10.54 18.06
C ALA A 297 -7.23 9.12 17.69
N PRO A 298 -6.84 8.61 16.49
CA PRO A 298 -7.34 7.27 16.18
C PRO A 298 -6.77 6.19 17.10
N LEU A 299 -5.55 6.41 17.59
CA LEU A 299 -4.94 5.51 18.55
C LEU A 299 -5.61 5.65 19.92
N ALA A 300 -5.82 6.91 20.33
CA ALA A 300 -6.56 7.19 21.56
C ALA A 300 -7.91 6.43 21.54
N ALA A 301 -8.61 6.45 20.40
CA ALA A 301 -9.89 5.72 20.27
C ALA A 301 -9.71 4.24 20.53
N LEU A 302 -8.67 3.66 19.98
CA LEU A 302 -8.49 2.20 20.07
C LEU A 302 -8.11 1.75 21.46
N VAL A 303 -7.42 2.61 22.23
CA VAL A 303 -7.08 2.25 23.60
C VAL A 303 -8.11 2.74 24.62
N GLY A 304 -9.15 3.43 24.15
CA GLY A 304 -10.27 3.84 25.00
C GLY A 304 -9.87 4.90 26.01
N GLY A 305 -8.88 5.71 25.66
CA GLY A 305 -8.39 6.75 26.55
C GLY A 305 -7.50 7.70 25.78
N ARG A 306 -6.67 8.46 26.48
CA ARG A 306 -5.61 9.17 25.78
C ARG A 306 -4.61 8.17 25.21
N ALA A 307 -3.93 8.55 24.14
CA ALA A 307 -2.98 7.66 23.50
C ALA A 307 -1.90 7.21 24.46
N GLY A 308 -1.27 8.17 25.15
CA GLY A 308 -0.12 7.82 26.03
C GLY A 308 -0.52 7.01 27.25
N THR A 309 -1.41 7.57 28.05
CA THR A 309 -1.91 6.85 29.22
C THR A 309 -2.64 5.58 28.83
N GLY A 310 -3.36 5.62 27.72
CA GLY A 310 -4.06 4.42 27.24
C GLY A 310 -3.10 3.30 26.87
N LEU A 311 -1.96 3.65 26.28
CA LEU A 311 -0.92 2.65 26.01
C LEU A 311 -0.32 2.10 27.29
N TYR A 312 -0.14 2.97 28.28
CA TYR A 312 0.40 2.52 29.56
C TYR A 312 -0.55 1.50 30.19
N ASP A 313 -1.84 1.82 30.16
CA ASP A 313 -2.85 0.90 30.72
C ASP A 313 -2.94 -0.42 29.95
N PHE A 314 -2.85 -0.34 28.63
CA PHE A 314 -2.91 -1.53 27.78
C PHE A 314 -1.67 -2.42 28.04
N ALA A 315 -0.49 -1.81 28.10
CA ALA A 315 0.75 -2.55 28.37
C ALA A 315 0.66 -3.26 29.72
N ALA A 316 0.01 -2.62 30.70
CA ALA A 316 -0.21 -3.26 32.00
C ALA A 316 -1.12 -4.50 31.92
N ARG A 317 -2.13 -4.45 31.05
CA ARG A 317 -3.00 -5.61 30.81
C ARG A 317 -2.20 -6.77 30.22
N LEU A 318 -1.14 -6.43 29.46
CA LEU A 318 -0.28 -7.45 28.86
C LEU A 318 0.82 -7.96 29.77
N GLY A 319 1.05 -7.27 30.88
CA GLY A 319 2.08 -7.62 31.84
C GLY A 319 3.49 -7.26 31.39
N ALA A 320 3.59 -6.30 30.47
CA ALA A 320 4.88 -5.88 29.94
C ALA A 320 5.67 -5.08 30.98
N PRO A 321 7.00 -5.08 30.88
CA PRO A 321 7.76 -4.21 31.77
C PRO A 321 7.41 -2.74 31.54
N ALA A 322 7.44 -1.94 32.61
CA ALA A 322 6.99 -0.54 32.54
C ALA A 322 8.03 0.53 32.88
N SER A 323 9.22 0.13 33.33
CA SER A 323 10.24 1.11 33.71
C SER A 323 11.60 0.79 33.11
N LEU A 324 12.38 1.84 32.87
CA LEU A 324 13.75 1.62 32.45
C LEU A 324 14.57 1.03 33.58
N ALA A 325 14.19 1.31 34.84
CA ALA A 325 14.88 0.69 35.97
C ALA A 325 14.82 -0.83 35.91
N ALA A 326 13.69 -1.38 35.46
CA ALA A 326 13.56 -2.83 35.29
C ALA A 326 14.49 -3.41 34.22
N LEU A 327 14.93 -2.56 33.29
CA LEU A 327 15.85 -3.01 32.23
C LEU A 327 17.31 -2.83 32.62
N GLY A 328 17.58 -2.47 33.87
CA GLY A 328 18.93 -2.31 34.38
C GLY A 328 19.59 -0.97 34.09
N VAL A 329 18.79 0.00 33.65
CA VAL A 329 19.31 1.35 33.44
C VAL A 329 19.52 2.01 34.80
N GLY A 330 20.66 2.70 34.93
CA GLY A 330 20.96 3.46 36.11
C GLY A 330 20.62 4.92 35.86
N GLY A 331 20.21 5.61 36.91
CA GLY A 331 19.96 7.05 36.83
C GLY A 331 21.14 7.82 36.27
N GLU A 332 22.35 7.33 36.54
CA GLU A 332 23.57 7.97 36.08
C GLU A 332 23.81 7.86 34.57
N ASP A 333 23.09 6.96 33.90
CA ASP A 333 23.15 6.68 32.46
C ASP A 333 22.38 7.75 31.66
N LEU A 334 21.43 8.42 32.29
CA LEU A 334 20.38 9.13 31.53
C LEU A 334 20.87 10.43 30.89
N ASP A 335 21.78 11.14 31.55
CA ASP A 335 22.39 12.35 30.99
C ASP A 335 23.05 12.05 29.64
N ALA A 336 23.90 11.04 29.62
CA ALA A 336 24.63 10.63 28.43
C ALA A 336 23.68 10.18 27.31
N MET A 337 22.65 9.43 27.70
CA MET A 337 21.64 8.99 26.74
C MET A 337 20.84 10.15 26.15
N ALA A 338 20.43 11.09 26.99
CA ALA A 338 19.74 12.29 26.50
C ALA A 338 20.63 13.09 25.53
N GLU A 339 21.93 13.21 25.83
CA GLU A 339 22.86 13.87 24.91
C GLU A 339 23.00 13.09 23.59
N LEU A 340 23.19 11.77 23.68
CA LEU A 340 23.38 10.96 22.47
C LEU A 340 22.14 10.96 21.57
N ALA A 341 20.96 11.03 22.18
CA ALA A 341 19.71 11.07 21.43
C ALA A 341 19.54 12.35 20.60
N THR A 342 20.29 13.39 20.93
CA THR A 342 20.24 14.64 20.12
C THR A 342 21.19 14.63 18.92
N ALA A 343 22.07 13.63 18.85
CA ALA A 343 22.89 13.39 17.66
C ALA A 343 22.10 12.64 16.61
N ASN A 344 22.15 13.13 15.37
CA ASN A 344 21.41 12.52 14.26
C ASN A 344 19.96 12.22 14.65
N PRO A 345 19.21 13.25 15.11
CA PRO A 345 17.85 13.01 15.59
C PRO A 345 16.89 12.60 14.47
N TYR A 346 15.80 11.94 14.84
CA TYR A 346 14.73 11.75 13.87
C TYR A 346 13.73 12.88 14.01
N TRP A 347 13.10 13.27 12.89
CA TRP A 347 12.12 14.35 12.90
C TRP A 347 10.97 14.10 13.87
N CYS A 348 10.53 15.15 14.55
CA CYS A 348 9.42 15.09 15.52
C CYS A 348 8.55 16.37 15.40
N PRO A 349 7.21 16.25 15.54
CA PRO A 349 6.35 17.45 15.47
C PRO A 349 6.52 18.40 16.65
N ARG A 350 7.16 17.92 17.73
CA ARG A 350 7.51 18.72 18.89
C ARG A 350 9.05 18.84 18.93
N PRO A 351 9.60 20.00 19.31
CA PRO A 351 11.05 20.12 19.52
C PRO A 351 11.47 19.09 20.55
N VAL A 352 12.63 18.48 20.33
CA VAL A 352 13.13 17.43 21.21
C VAL A 352 14.58 17.72 21.60
N GLU A 353 14.77 18.77 22.39
CA GLU A 353 16.11 19.13 22.86
C GLU A 353 16.49 18.32 24.10
N LYS A 354 17.75 18.42 24.51
CA LYS A 354 18.32 17.53 25.52
C LYS A 354 17.57 17.57 26.86
N THR A 355 17.20 18.77 27.30
CA THR A 355 16.46 18.93 28.56
C THR A 355 15.15 18.14 28.56
N ALA A 356 14.38 18.28 27.49
CA ALA A 356 13.13 17.55 27.33
C ALA A 356 13.34 16.03 27.28
N ILE A 357 14.35 15.59 26.54
CA ILE A 357 14.60 14.15 26.41
C ILE A 357 15.01 13.60 27.76
N ARG A 358 15.87 14.32 28.47
CA ARG A 358 16.32 13.86 29.80
C ARG A 358 15.12 13.68 30.74
N ALA A 359 14.19 14.63 30.73
CA ALA A 359 13.00 14.56 31.59
C ALA A 359 12.13 13.38 31.22
N LEU A 360 11.97 13.15 29.92
CA LEU A 360 11.20 12.01 29.45
C LEU A 360 11.82 10.69 29.90
N LEU A 361 13.14 10.59 29.73
CA LEU A 361 13.86 9.40 30.17
C LEU A 361 13.73 9.20 31.67
N GLN A 362 13.74 10.31 32.43
CA GLN A 362 13.50 10.22 33.89
C GLN A 362 12.11 9.67 34.21
N ARG A 363 11.10 10.13 33.47
CA ARG A 363 9.75 9.57 33.65
C ARG A 363 9.73 8.07 33.35
N ALA A 364 10.40 7.66 32.26
CA ALA A 364 10.40 6.25 31.87
C ALA A 364 11.19 5.40 32.86
N PHE A 365 12.20 6.00 33.49
CA PHE A 365 13.00 5.32 34.50
C PHE A 365 12.13 4.98 35.71
N GLU A 366 11.27 5.92 36.08
CA GLU A 366 10.41 5.79 37.22
C GLU A 366 9.24 4.83 36.99
N GLY A 367 8.72 4.80 35.76
CA GLY A 367 7.70 3.82 35.38
C GLY A 367 6.28 4.08 35.85
N ALA A 368 5.98 5.32 36.24
CA ALA A 368 4.62 5.68 36.66
C ALA A 368 3.76 6.03 35.45
N ARG A 369 2.44 5.98 35.64
CA ARG A 369 1.51 6.33 34.55
C ARG A 369 1.83 7.75 34.08
N PRO A 370 1.89 7.97 32.74
CA PRO A 370 2.15 9.33 32.25
C PRO A 370 1.11 10.36 32.73
N MET B 21 -7.93 -16.42 8.36
CA MET B 21 -7.87 -15.43 7.25
C MET B 21 -7.65 -16.10 5.90
N GLN B 22 -8.29 -15.57 4.87
CA GLN B 22 -8.02 -15.96 3.50
C GLN B 22 -6.55 -15.62 3.21
N PRO B 23 -5.75 -16.64 2.81
CA PRO B 23 -4.36 -16.36 2.41
C PRO B 23 -4.31 -15.44 1.20
N PHE B 24 -3.17 -14.77 1.03
CA PHE B 24 -3.03 -13.83 -0.06
C PHE B 24 -1.58 -13.64 -0.43
N VAL B 25 -1.34 -13.09 -1.61
CA VAL B 25 -0.04 -12.53 -1.97
C VAL B 25 -0.26 -11.05 -2.27
N TYR B 26 0.56 -10.21 -1.63
CA TYR B 26 0.53 -8.79 -1.85
C TYR B 26 1.84 -8.39 -2.52
N THR B 27 1.75 -7.94 -3.76
CA THR B 27 2.93 -7.55 -4.52
C THR B 27 2.85 -6.08 -4.85
N THR B 28 3.96 -5.37 -4.65
CA THR B 28 4.05 -3.97 -5.07
C THR B 28 5.18 -3.75 -6.06
N ALA B 29 5.03 -2.71 -6.87
CA ALA B 29 6.04 -2.27 -7.82
C ALA B 29 6.45 -0.83 -7.48
N PRO B 30 7.54 -0.33 -8.07
CA PRO B 30 7.94 1.06 -7.79
C PRO B 30 6.93 2.09 -8.32
N ALA B 31 6.46 2.97 -7.45
CA ALA B 31 5.59 4.09 -7.86
C ALA B 31 5.72 5.19 -6.85
N ARG B 32 5.71 6.42 -7.33
CA ARG B 32 5.70 7.57 -6.46
C ARG B 32 4.48 8.40 -6.81
N ILE B 33 3.62 8.62 -5.83
CA ILE B 33 2.35 9.32 -6.00
C ILE B 33 2.42 10.64 -5.22
N VAL B 34 2.40 11.74 -5.95
CA VAL B 34 2.51 13.07 -5.35
C VAL B 34 1.10 13.66 -5.36
N PHE B 35 0.60 14.05 -4.21
CA PHE B 35 -0.79 14.46 -4.13
C PHE B 35 -0.92 15.80 -3.44
N GLY B 36 -1.54 16.75 -4.09
CA GLY B 36 -1.81 18.03 -3.43
C GLY B 36 -2.22 19.09 -4.43
N THR B 37 -3.10 19.99 -4.00
CA THR B 37 -3.47 21.12 -4.85
C THR B 37 -2.22 21.95 -5.14
N GLY B 38 -2.05 22.28 -6.42
CA GLY B 38 -0.86 23.00 -6.90
C GLY B 38 0.35 22.13 -7.15
N SER B 39 0.23 20.82 -6.96
CA SER B 39 1.41 19.94 -7.05
C SER B 39 1.99 19.88 -8.47
N SER B 40 1.21 20.24 -9.47
CA SER B 40 1.68 20.10 -10.84
C SER B 40 2.80 21.10 -11.17
N VAL B 41 3.05 22.04 -10.27
CA VAL B 41 4.18 22.94 -10.46
C VAL B 41 5.51 22.19 -10.33
N GLY B 42 5.44 20.97 -9.81
CA GLY B 42 6.63 20.17 -9.46
C GLY B 42 7.07 19.16 -10.50
N VAL B 43 6.61 19.29 -11.74
CA VAL B 43 6.97 18.32 -12.77
C VAL B 43 8.48 18.26 -12.99
N ALA B 44 9.14 19.42 -13.10
CA ALA B 44 10.60 19.45 -13.31
C ALA B 44 11.33 18.67 -12.24
N GLU B 45 10.94 18.91 -10.99
CA GLU B 45 11.54 18.21 -9.87
C GLU B 45 11.39 16.69 -10.01
N GLU B 46 10.23 16.23 -10.46
CA GLU B 46 10.02 14.80 -10.61
C GLU B 46 10.84 14.18 -11.73
N ILE B 47 11.03 14.92 -12.82
CA ILE B 47 11.93 14.46 -13.88
C ILE B 47 13.35 14.35 -13.34
N ARG B 48 13.82 15.38 -12.66
CA ARG B 48 15.16 15.38 -12.08
C ARG B 48 15.37 14.25 -11.08
N ARG B 49 14.36 13.98 -10.26
CA ARG B 49 14.45 12.97 -9.21
C ARG B 49 14.71 11.59 -9.83
N LEU B 50 14.13 11.37 -11.00
CA LEU B 50 14.31 10.12 -11.75
C LEU B 50 15.68 10.03 -12.44
N GLY B 51 16.43 11.14 -12.42
CA GLY B 51 17.72 11.21 -13.12
C GLY B 51 17.57 11.30 -14.62
N LEU B 52 16.45 11.89 -15.05
CA LEU B 52 16.12 12.02 -16.47
C LEU B 52 16.17 13.48 -16.86
N SER B 53 16.15 13.76 -18.17
CA SER B 53 16.44 15.11 -18.62
C SER B 53 15.83 15.49 -19.97
N ARG B 54 15.06 14.56 -20.57
CA ARG B 54 14.54 14.78 -21.93
C ARG B 54 13.11 14.25 -22.07
N ALA B 55 12.16 14.99 -21.50
CA ALA B 55 10.76 14.55 -21.45
C ALA B 55 9.98 14.89 -22.73
N LEU B 56 9.25 13.91 -23.27
CA LEU B 56 8.31 14.19 -24.35
C LEU B 56 6.97 14.41 -23.66
N VAL B 57 6.45 15.63 -23.78
CA VAL B 57 5.20 16.00 -23.12
C VAL B 57 4.07 15.60 -24.07
N LEU B 58 3.12 14.85 -23.53
CA LEU B 58 2.02 14.30 -24.34
C LEU B 58 0.69 14.95 -23.99
N SER B 59 -0.14 15.14 -25.01
CA SER B 59 -1.50 15.66 -24.80
C SER B 59 -2.40 15.34 -25.97
N THR B 60 -3.69 15.64 -25.78
CA THR B 60 -4.67 15.69 -26.86
C THR B 60 -4.54 17.01 -27.60
N PRO B 61 -5.18 17.11 -28.77
CA PRO B 61 -5.17 18.40 -29.47
C PRO B 61 -5.71 19.56 -28.62
N HIS B 62 -6.76 19.34 -27.82
CA HIS B 62 -7.27 20.42 -26.96
C HIS B 62 -6.26 20.94 -25.96
N GLN B 63 -5.53 20.03 -25.32
CA GLN B 63 -4.58 20.41 -24.28
C GLN B 63 -3.20 20.75 -24.84
N LYS B 64 -3.11 20.90 -26.16
CA LYS B 64 -1.85 21.27 -26.81
C LYS B 64 -1.26 22.53 -26.20
N GLY B 65 -2.10 23.56 -26.01
CA GLY B 65 -1.68 24.81 -25.37
C GLY B 65 -1.10 24.60 -23.99
N ASP B 66 -1.79 23.81 -23.18
CA ASP B 66 -1.35 23.47 -21.82
C ASP B 66 -0.04 22.68 -21.84
N ALA B 67 0.09 21.77 -22.80
CA ALA B 67 1.30 20.97 -22.96
C ALA B 67 2.50 21.81 -23.36
N GLU B 68 2.30 22.72 -24.31
CA GLU B 68 3.36 23.63 -24.74
C GLU B 68 3.78 24.58 -23.62
N ALA B 69 2.82 25.01 -22.80
CA ALA B 69 3.11 25.88 -21.65
C ALA B 69 3.92 25.14 -20.59
N LEU B 70 3.63 23.84 -20.44
CA LEU B 70 4.40 22.99 -19.53
C LEU B 70 5.83 22.74 -20.04
N ALA B 71 5.95 22.42 -21.34
CA ALA B 71 7.25 22.16 -21.94
C ALA B 71 8.18 23.37 -21.86
N ALA B 72 7.62 24.56 -22.06
CA ALA B 72 8.35 25.83 -21.93
C ALA B 72 8.93 25.97 -20.53
N ARG B 73 8.08 25.74 -19.52
CA ARG B 73 8.47 25.78 -18.11
C ARG B 73 9.55 24.76 -17.76
N LEU B 74 9.54 23.60 -18.43
CA LEU B 74 10.53 22.54 -18.20
C LEU B 74 11.94 22.86 -18.69
N GLY B 75 12.06 23.81 -19.62
CA GLY B 75 13.35 24.26 -20.16
C GLY B 75 14.21 23.13 -20.71
N PRO B 76 15.41 22.92 -20.12
CA PRO B 76 16.36 21.89 -20.57
C PRO B 76 15.78 20.47 -20.51
N LEU B 77 14.76 20.28 -19.68
CA LEU B 77 14.22 18.96 -19.38
C LEU B 77 13.15 18.50 -20.35
N ALA B 78 12.74 19.38 -21.25
CA ALA B 78 11.75 19.00 -22.25
C ALA B 78 12.39 18.76 -23.61
N ALA B 79 12.02 17.64 -24.23
CA ALA B 79 12.53 17.27 -25.55
C ALA B 79 11.56 17.65 -26.64
N GLY B 80 10.30 17.87 -26.26
CA GLY B 80 9.28 18.27 -27.23
C GLY B 80 7.88 17.97 -26.74
N VAL B 81 6.92 18.22 -27.63
CA VAL B 81 5.49 18.04 -27.35
C VAL B 81 4.88 17.19 -28.45
N PHE B 82 4.10 16.19 -28.06
CA PHE B 82 3.33 15.41 -29.02
C PHE B 82 1.87 15.50 -28.56
N SER B 83 1.05 16.15 -29.39
CA SER B 83 -0.29 16.55 -28.95
C SER B 83 -1.41 15.92 -29.76
N ASP B 84 -1.17 14.68 -30.23
CA ASP B 84 -2.15 13.99 -31.06
C ASP B 84 -2.83 12.80 -30.34
N ALA B 85 -2.77 12.75 -29.00
CA ALA B 85 -3.42 11.67 -28.27
C ALA B 85 -4.87 11.52 -28.67
N ALA B 86 -5.28 10.27 -28.90
CA ALA B 86 -6.60 9.97 -29.41
C ALA B 86 -7.27 8.87 -28.61
N MET B 87 -8.60 8.91 -28.56
CA MET B 87 -9.36 7.90 -27.83
C MET B 87 -9.04 6.51 -28.36
N HIS B 88 -8.86 5.57 -27.43
CA HIS B 88 -8.64 4.13 -27.72
C HIS B 88 -7.24 3.80 -28.20
N THR B 89 -6.34 4.77 -28.13
CA THR B 89 -4.90 4.55 -28.31
C THR B 89 -4.59 3.79 -29.62
N PRO B 90 -4.91 4.41 -30.77
CA PRO B 90 -4.68 3.75 -32.06
C PRO B 90 -3.19 3.63 -32.37
N VAL B 91 -2.79 2.48 -32.90
CA VAL B 91 -1.38 2.21 -33.18
C VAL B 91 -0.75 3.23 -34.16
N GLU B 92 -1.52 3.77 -35.11
CA GLU B 92 -0.99 4.78 -36.06
C GLU B 92 -0.47 6.00 -35.34
N VAL B 93 -1.18 6.39 -34.28
CA VAL B 93 -0.79 7.55 -33.52
C VAL B 93 0.42 7.19 -32.66
N THR B 94 0.36 6.03 -32.01
CA THR B 94 1.51 5.55 -31.22
C THR B 94 2.79 5.48 -32.02
N LYS B 95 2.70 4.98 -33.25
CA LYS B 95 3.88 4.87 -34.11
C LYS B 95 4.51 6.24 -34.37
N ARG B 96 3.68 7.25 -34.66
CA ARG B 96 4.17 8.62 -34.82
C ARG B 96 4.75 9.17 -33.53
N ALA B 97 4.10 8.89 -32.40
CA ALA B 97 4.61 9.33 -31.11
C ALA B 97 5.97 8.72 -30.76
N VAL B 98 6.12 7.43 -31.05
CA VAL B 98 7.39 6.72 -30.77
C VAL B 98 8.50 7.22 -31.67
N GLU B 99 8.15 7.44 -32.94
CA GLU B 99 9.11 8.01 -33.89
C GLU B 99 9.58 9.39 -33.40
N ALA B 100 8.64 10.22 -32.90
CA ALA B 100 9.01 11.51 -32.32
C ALA B 100 9.87 11.38 -31.06
N TYR B 101 9.48 10.45 -30.19
CA TYR B 101 10.24 10.18 -28.96
C TYR B 101 11.71 9.80 -29.28
N ARG B 102 11.88 8.86 -30.21
CA ARG B 102 13.22 8.34 -30.53
C ARG B 102 14.03 9.40 -31.28
N ALA B 103 13.39 10.15 -32.18
CA ALA B 103 14.10 11.19 -32.92
C ALA B 103 14.57 12.35 -32.04
N ALA B 104 13.80 12.64 -30.98
CA ALA B 104 14.12 13.75 -30.05
C ALA B 104 15.16 13.39 -28.98
N GLY B 105 15.57 12.12 -28.94
CA GLY B 105 16.45 11.64 -27.87
C GLY B 105 15.79 11.77 -26.51
N ALA B 106 14.48 11.55 -26.48
CA ALA B 106 13.74 11.57 -25.24
C ALA B 106 14.07 10.38 -24.35
N ASP B 107 13.86 10.55 -23.05
CA ASP B 107 14.15 9.48 -22.11
C ASP B 107 13.00 9.20 -21.16
N CYS B 108 11.91 9.97 -21.29
CA CYS B 108 10.68 9.71 -20.53
C CYS B 108 9.50 10.42 -21.20
N VAL B 109 8.30 10.18 -20.69
CA VAL B 109 7.11 10.89 -21.16
C VAL B 109 6.42 11.55 -19.98
N VAL B 110 5.82 12.70 -20.24
CA VAL B 110 4.96 13.38 -19.29
C VAL B 110 3.57 13.37 -19.88
N SER B 111 2.64 12.64 -19.26
CA SER B 111 1.29 12.45 -19.82
C SER B 111 0.32 13.39 -19.17
N LEU B 112 0.06 14.53 -19.82
CA LEU B 112 -0.82 15.53 -19.23
C LEU B 112 -2.24 15.38 -19.74
N GLY B 113 -3.19 15.10 -18.85
CA GLY B 113 -4.60 15.14 -19.24
C GLY B 113 -5.36 13.86 -18.95
N GLY B 114 -6.31 13.54 -19.82
CA GLY B 114 -7.23 12.44 -19.60
C GLY B 114 -6.68 11.05 -19.81
N GLY B 115 -7.58 10.06 -19.73
CA GLY B 115 -7.21 8.68 -19.88
C GLY B 115 -6.58 8.33 -21.24
N SER B 116 -7.01 9.01 -22.30
N SER B 116 -7.01 9.02 -22.30
CA SER B 116 -6.43 8.76 -23.62
CA SER B 116 -6.43 8.77 -23.63
C SER B 116 -4.94 9.13 -23.60
C SER B 116 -4.97 9.21 -23.70
N THR B 117 -4.61 10.24 -22.92
CA THR B 117 -3.22 10.70 -22.87
C THR B 117 -2.41 9.74 -22.00
N THR B 118 -2.98 9.28 -20.89
CA THR B 118 -2.29 8.24 -20.11
C THR B 118 -2.05 6.98 -20.97
N GLY B 119 -3.05 6.57 -21.75
CA GLY B 119 -2.91 5.42 -22.64
C GLY B 119 -1.78 5.56 -23.65
N LEU B 120 -1.68 6.74 -24.28
CA LEU B 120 -0.59 7.00 -25.22
C LEU B 120 0.76 6.82 -24.54
N GLY B 121 0.91 7.41 -23.35
CA GLY B 121 2.17 7.26 -22.62
C GLY B 121 2.52 5.81 -22.33
N LYS B 122 1.52 5.02 -21.95
CA LYS B 122 1.71 3.59 -21.72
C LYS B 122 2.15 2.85 -22.99
N ALA B 123 1.53 3.21 -24.11
CA ALA B 123 1.85 2.60 -25.40
C ALA B 123 3.28 2.92 -25.82
N ILE B 124 3.71 4.15 -25.51
CA ILE B 124 5.10 4.53 -25.77
C ILE B 124 6.02 3.77 -24.83
N ALA B 125 5.64 3.69 -23.56
CA ALA B 125 6.45 2.97 -22.58
C ALA B 125 6.64 1.51 -22.95
N LEU B 126 5.58 0.90 -23.45
CA LEU B 126 5.62 -0.49 -23.89
C LEU B 126 6.75 -0.73 -24.91
N ARG B 127 6.91 0.24 -25.81
CA ARG B 127 7.80 0.11 -26.96
C ARG B 127 9.21 0.64 -26.74
N THR B 128 9.37 1.54 -25.76
CA THR B 128 10.61 2.28 -25.58
C THR B 128 11.19 2.19 -24.17
N ASP B 129 10.44 1.59 -23.25
CA ASP B 129 10.83 1.52 -21.84
C ASP B 129 10.82 2.90 -21.15
N ALA B 130 10.19 3.90 -21.79
CA ALA B 130 10.10 5.25 -21.23
C ALA B 130 9.48 5.24 -19.84
N PRO B 131 10.18 5.79 -18.83
CA PRO B 131 9.47 6.10 -17.59
C PRO B 131 8.35 7.08 -17.88
N GLN B 132 7.27 6.99 -17.10
CA GLN B 132 6.08 7.82 -17.28
C GLN B 132 5.86 8.68 -16.03
N ILE B 133 5.64 9.97 -16.24
CA ILE B 133 5.17 10.88 -15.20
C ILE B 133 3.81 11.35 -15.66
N VAL B 134 2.77 10.91 -14.96
CA VAL B 134 1.40 11.16 -15.36
C VAL B 134 0.79 12.27 -14.53
N ILE B 135 0.12 13.19 -15.23
CA ILE B 135 -0.58 14.29 -14.56
C ILE B 135 -2.07 14.18 -14.96
N PRO B 136 -2.83 13.35 -14.23
CA PRO B 136 -4.22 13.12 -14.62
C PRO B 136 -5.15 14.28 -14.33
N THR B 137 -6.09 14.51 -15.24
CA THR B 137 -7.08 15.57 -15.08
C THR B 137 -8.51 15.01 -14.97
N THR B 138 -8.62 13.68 -14.93
CA THR B 138 -9.93 13.00 -14.87
C THR B 138 -9.91 11.91 -13.81
N TYR B 139 -11.00 11.17 -13.75
CA TYR B 139 -11.15 10.05 -12.78
C TYR B 139 -10.91 8.70 -13.44
N ALA B 140 -10.27 8.68 -14.61
CA ALA B 140 -10.02 7.41 -15.32
C ALA B 140 -9.25 6.36 -14.52
N GLY B 141 -8.29 6.81 -13.72
CA GLY B 141 -7.51 5.90 -12.89
C GLY B 141 -6.44 5.10 -13.61
N SER B 142 -6.33 5.32 -14.92
CA SER B 142 -5.36 4.57 -15.74
C SER B 142 -3.93 4.78 -15.26
N GLU B 143 -3.70 5.94 -14.66
CA GLU B 143 -2.36 6.33 -14.17
C GLU B 143 -1.79 5.39 -13.12
N VAL B 144 -2.64 4.55 -12.52
CA VAL B 144 -2.19 3.63 -11.47
C VAL B 144 -2.58 2.19 -11.78
N THR B 145 -2.73 1.88 -13.08
CA THR B 145 -2.88 0.50 -13.49
C THR B 145 -1.79 0.06 -14.46
N PRO B 146 -1.53 -1.25 -14.52
CA PRO B 146 -0.60 -1.83 -15.50
C PRO B 146 -1.31 -2.28 -16.79
N ILE B 147 -2.52 -1.75 -17.03
CA ILE B 147 -3.35 -2.19 -18.13
C ILE B 147 -3.29 -1.23 -19.30
N LEU B 148 -3.16 -1.77 -20.50
CA LEU B 148 -3.15 -0.94 -21.70
C LEU B 148 -4.06 -1.48 -22.78
N GLY B 149 -5.05 -0.67 -23.17
CA GLY B 149 -5.86 -0.99 -24.35
C GLY B 149 -5.35 -0.22 -25.56
N GLN B 150 -5.33 -0.87 -26.72
CA GLN B 150 -4.92 -0.25 -27.98
C GLN B 150 -5.86 -0.62 -29.12
N THR B 151 -5.84 0.15 -30.20
CA THR B 151 -6.57 -0.18 -31.42
C THR B 151 -5.58 -0.22 -32.58
N GLU B 152 -5.63 -1.28 -33.38
CA GLU B 152 -4.71 -1.42 -34.51
C GLU B 152 -5.50 -1.82 -35.74
N ASN B 153 -5.49 -0.94 -36.75
CA ASN B 153 -6.34 -1.09 -37.92
C ASN B 153 -7.73 -1.56 -37.51
N GLY B 154 -8.31 -0.91 -36.51
CA GLY B 154 -9.64 -1.24 -36.00
C GLY B 154 -9.69 -2.29 -34.90
N VAL B 155 -8.60 -3.02 -34.69
CA VAL B 155 -8.59 -4.13 -33.74
C VAL B 155 -8.20 -3.66 -32.33
N LYS B 156 -9.16 -3.66 -31.41
CA LYS B 156 -8.89 -3.32 -30.01
C LYS B 156 -8.28 -4.52 -29.27
N THR B 157 -7.21 -4.25 -28.53
CA THR B 157 -6.50 -5.28 -27.76
C THR B 157 -6.24 -4.74 -26.37
N THR B 158 -6.09 -5.64 -25.39
CA THR B 158 -5.74 -5.24 -24.02
C THR B 158 -4.56 -6.07 -23.55
N LEU B 159 -3.54 -5.42 -22.99
CA LEU B 159 -2.45 -6.14 -22.37
C LEU B 159 -2.16 -5.57 -21.00
N ARG B 160 -1.45 -6.34 -20.19
CA ARG B 160 -0.99 -5.83 -18.92
C ARG B 160 0.39 -6.34 -18.59
N GLY B 161 1.12 -5.51 -17.86
CA GLY B 161 2.44 -5.88 -17.41
C GLY B 161 3.11 -4.79 -16.62
N PRO B 162 4.19 -5.14 -15.91
CA PRO B 162 4.90 -4.18 -15.05
C PRO B 162 5.46 -3.00 -15.85
N GLU B 163 5.80 -3.20 -17.11
CA GLU B 163 6.34 -2.14 -17.97
C GLU B 163 5.31 -1.05 -18.27
N ILE B 164 4.03 -1.35 -18.05
CA ILE B 164 2.97 -0.42 -18.36
C ILE B 164 2.65 0.53 -17.19
N LEU B 165 2.86 0.07 -15.95
CA LEU B 165 2.50 0.85 -14.75
C LEU B 165 3.37 2.09 -14.66
N PRO B 166 2.76 3.29 -14.63
CA PRO B 166 3.57 4.51 -14.54
C PRO B 166 4.37 4.60 -13.25
N GLU B 167 5.59 5.11 -13.37
CA GLU B 167 6.49 5.31 -12.25
C GLU B 167 6.09 6.46 -11.32
N VAL B 168 5.52 7.51 -11.87
CA VAL B 168 5.23 8.71 -11.09
C VAL B 168 3.87 9.26 -11.49
N VAL B 169 3.07 9.65 -10.50
CA VAL B 169 1.79 10.33 -10.76
C VAL B 169 1.74 11.57 -9.91
N ILE B 170 1.34 12.69 -10.53
CA ILE B 170 1.16 13.95 -9.84
C ILE B 170 -0.33 14.29 -9.90
N TYR B 171 -0.99 14.22 -8.73
CA TYR B 171 -2.41 14.52 -8.57
C TYR B 171 -2.59 15.93 -8.06
N ASP B 172 -3.15 16.79 -8.90
CA ASP B 172 -3.38 18.17 -8.56
C ASP B 172 -4.86 18.47 -8.85
N ALA B 173 -5.66 18.55 -7.78
CA ALA B 173 -7.10 18.73 -7.96
C ALA B 173 -7.47 20.00 -8.71
N GLU B 174 -6.60 21.02 -8.70
CA GLU B 174 -6.90 22.24 -9.41
C GLU B 174 -7.04 21.99 -10.91
N LEU B 175 -6.44 20.91 -11.40
CA LEU B 175 -6.49 20.58 -12.82
C LEU B 175 -7.76 19.83 -13.23
N THR B 176 -8.63 19.56 -12.25
CA THR B 176 -9.86 18.78 -12.51
C THR B 176 -11.14 19.61 -12.45
N LEU B 177 -10.99 20.91 -12.21
CA LEU B 177 -12.15 21.77 -11.97
C LEU B 177 -13.03 21.92 -13.19
N GLY B 178 -12.46 21.75 -14.40
CA GLY B 178 -13.21 21.82 -15.66
C GLY B 178 -13.95 20.56 -16.07
N LEU B 179 -13.83 19.47 -15.31
CA LEU B 179 -14.49 18.23 -15.69
C LEU B 179 -16.02 18.42 -15.59
N PRO B 180 -16.76 18.30 -16.72
CA PRO B 180 -18.21 18.59 -16.59
C PRO B 180 -18.89 17.69 -15.55
N VAL B 181 -19.99 18.18 -14.98
CA VAL B 181 -20.63 17.44 -13.92
C VAL B 181 -21.12 16.08 -14.37
N GLY B 182 -21.74 15.99 -15.54
CA GLY B 182 -22.31 14.71 -15.97
C GLY B 182 -21.26 13.60 -15.97
N ILE B 183 -20.15 13.85 -16.66
CA ILE B 183 -19.09 12.84 -16.75
C ILE B 183 -18.39 12.70 -15.41
N SER B 184 -18.33 13.75 -14.61
CA SER B 184 -17.77 13.61 -13.24
C SER B 184 -18.56 12.56 -12.47
N MET B 185 -19.88 12.59 -12.60
CA MET B 185 -20.71 11.63 -11.86
C MET B 185 -20.58 10.21 -12.39
N THR B 186 -20.65 10.06 -13.70
CA THR B 186 -20.61 8.71 -14.26
C THR B 186 -19.23 8.09 -14.20
N SER B 187 -18.19 8.89 -14.45
CA SER B 187 -16.82 8.39 -14.27
C SER B 187 -16.52 8.13 -12.80
N GLY B 188 -17.14 8.90 -11.89
CA GLY B 188 -16.98 8.61 -10.46
C GLY B 188 -17.58 7.27 -10.10
N LEU B 189 -18.76 6.98 -10.65
CA LEU B 189 -19.38 5.68 -10.44
C LEU B 189 -18.55 4.56 -11.07
N ASN B 190 -17.99 4.81 -12.26
CA ASN B 190 -17.09 3.84 -12.92
C ASN B 190 -15.87 3.56 -12.00
N ALA B 191 -15.35 4.59 -11.33
CA ALA B 191 -14.25 4.38 -10.40
C ALA B 191 -14.71 3.54 -9.21
N MET B 192 -15.87 3.88 -8.66
CA MET B 192 -16.44 3.10 -7.54
C MET B 192 -16.58 1.63 -7.91
N ALA B 193 -16.89 1.35 -9.18
CA ALA B 193 -17.08 -0.04 -9.60
C ALA B 193 -15.79 -0.85 -9.38
N HIS B 194 -14.63 -0.25 -9.65
CA HIS B 194 -13.36 -0.94 -9.42
C HIS B 194 -13.22 -1.35 -7.97
N ALA B 195 -13.51 -0.41 -7.06
CA ALA B 195 -13.39 -0.69 -5.63
C ALA B 195 -14.42 -1.73 -5.15
N ALA B 196 -15.65 -1.67 -5.68
CA ALA B 196 -16.70 -2.60 -5.23
C ALA B 196 -16.31 -4.03 -5.60
N GLU B 197 -15.82 -4.22 -6.82
CA GLU B 197 -15.42 -5.56 -7.23
C GLU B 197 -14.13 -6.02 -6.56
N ALA B 198 -13.25 -5.07 -6.22
CA ALA B 198 -12.05 -5.44 -5.49
C ALA B 198 -12.36 -6.16 -4.19
N LEU B 199 -13.47 -5.80 -3.54
CA LEU B 199 -13.82 -6.40 -2.23
C LEU B 199 -14.08 -7.90 -2.32
N TYR B 200 -14.50 -8.39 -3.50
CA TYR B 200 -14.73 -9.81 -3.66
C TYR B 200 -13.84 -10.49 -4.69
N ALA B 201 -12.73 -9.83 -5.06
CA ALA B 201 -11.78 -10.42 -5.98
C ALA B 201 -11.30 -11.80 -5.51
N ARG B 202 -11.06 -12.68 -6.48
CA ARG B 202 -10.50 -14.00 -6.20
C ARG B 202 -9.17 -13.89 -5.44
N ASP B 203 -8.40 -12.88 -5.81
CA ASP B 203 -7.11 -12.59 -5.23
C ASP B 203 -7.17 -11.38 -4.33
N ARG B 204 -8.30 -11.17 -3.65
CA ARG B 204 -8.42 -10.04 -2.73
C ARG B 204 -7.32 -10.12 -1.67
N ASN B 205 -6.87 -8.95 -1.22
CA ASN B 205 -5.96 -8.88 -0.09
C ASN B 205 -6.34 -7.70 0.80
N PRO B 206 -5.84 -7.69 2.06
CA PRO B 206 -6.31 -6.67 3.01
C PRO B 206 -5.96 -5.25 2.62
N ILE B 207 -4.83 -5.03 1.96
CA ILE B 207 -4.47 -3.65 1.58
C ILE B 207 -5.37 -3.16 0.43
N ALA B 208 -5.55 -4.00 -0.60
CA ALA B 208 -6.49 -3.64 -1.67
C ALA B 208 -7.88 -3.41 -1.08
N SER B 209 -8.28 -4.27 -0.13
CA SER B 209 -9.63 -4.10 0.42
C SER B 209 -9.77 -2.81 1.22
N MET B 210 -8.75 -2.45 2.03
CA MET B 210 -8.80 -1.20 2.78
C MET B 210 -8.81 0.00 1.84
N MET B 211 -7.98 -0.06 0.80
N MET B 211 -7.99 -0.05 0.79
CA MET B 211 -7.93 0.99 -0.21
CA MET B 211 -7.95 1.05 -0.18
C MET B 211 -9.29 1.13 -0.88
C MET B 211 -9.26 1.15 -0.95
N ALA B 212 -9.89 0.00 -1.20
CA ALA B 212 -11.19 -0.02 -1.87
C ALA B 212 -12.24 0.68 -1.03
N VAL B 213 -12.33 0.31 0.25
CA VAL B 213 -13.29 0.95 1.15
C VAL B 213 -13.04 2.46 1.24
N GLU B 214 -11.77 2.85 1.38
CA GLU B 214 -11.42 4.25 1.47
C GLU B 214 -11.79 5.01 0.21
N GLY B 215 -11.55 4.39 -0.95
CA GLY B 215 -11.92 5.00 -2.24
C GLY B 215 -13.43 5.18 -2.33
N LEU B 216 -14.17 4.17 -1.93
CA LEU B 216 -15.64 4.25 -1.91
C LEU B 216 -16.12 5.35 -0.98
N ARG B 217 -15.55 5.42 0.23
CA ARG B 217 -15.94 6.44 1.19
C ARG B 217 -15.68 7.82 0.58
N ALA B 218 -14.54 7.98 -0.08
CA ALA B 218 -14.18 9.28 -0.64
C ALA B 218 -15.14 9.69 -1.73
N MET B 219 -15.46 8.77 -2.65
N MET B 219 -15.47 8.76 -2.64
CA MET B 219 -16.39 9.07 -3.74
CA MET B 219 -16.39 9.08 -3.72
C MET B 219 -17.80 9.36 -3.20
C MET B 219 -17.80 9.35 -3.21
N ILE B 220 -18.22 8.61 -2.19
CA ILE B 220 -19.57 8.83 -1.64
C ILE B 220 -19.67 10.20 -1.01
N GLU B 221 -18.59 10.63 -0.34
CA GLU B 221 -18.56 11.98 0.22
C GLU B 221 -18.47 13.07 -0.87
N ALA B 222 -17.60 12.83 -1.85
CA ALA B 222 -17.21 13.90 -2.78
C ALA B 222 -18.16 14.12 -3.94
N LEU B 223 -18.66 13.05 -4.55
CA LEU B 223 -19.43 13.23 -5.79
C LEU B 223 -20.67 14.12 -5.61
N PRO B 224 -21.43 13.94 -4.51
CA PRO B 224 -22.55 14.89 -4.33
C PRO B 224 -22.08 16.34 -4.15
N GLY B 225 -20.91 16.51 -3.55
CA GLY B 225 -20.34 17.85 -3.35
C GLY B 225 -19.93 18.47 -4.66
N VAL B 226 -19.35 17.65 -5.53
CA VAL B 226 -18.98 18.10 -6.86
C VAL B 226 -20.22 18.51 -7.66
N ARG B 227 -21.28 17.72 -7.55
CA ARG B 227 -22.53 18.04 -8.24
C ARG B 227 -23.09 19.40 -7.78
N MET B 228 -23.06 19.63 -6.47
CA MET B 228 -23.53 20.90 -5.87
C MET B 228 -22.66 22.09 -6.27
N GLU B 229 -21.35 21.89 -6.28
CA GLU B 229 -20.40 22.97 -6.54
C GLU B 229 -19.19 22.42 -7.30
N PRO B 230 -19.31 22.36 -8.63
CA PRO B 230 -18.24 21.72 -9.41
C PRO B 230 -16.88 22.42 -9.28
N GLN B 231 -16.86 23.67 -8.83
CA GLN B 231 -15.60 24.39 -8.67
C GLN B 231 -15.02 24.30 -7.24
N ASP B 232 -15.69 23.55 -6.37
CA ASP B 232 -15.26 23.40 -4.96
C ASP B 232 -14.01 22.54 -4.90
N THR B 233 -12.89 23.14 -4.54
N THR B 233 -12.90 23.17 -4.53
CA THR B 233 -11.65 22.37 -4.56
CA THR B 233 -11.62 22.48 -4.46
C THR B 233 -11.60 21.30 -3.46
C THR B 233 -11.64 21.32 -3.48
N LYS B 234 -12.30 21.51 -2.35
CA LYS B 234 -12.34 20.47 -1.30
C LYS B 234 -13.01 19.19 -1.84
N ALA B 235 -14.20 19.34 -2.45
CA ALA B 235 -14.90 18.17 -2.97
C ALA B 235 -14.11 17.56 -4.11
N ARG B 236 -13.54 18.41 -4.96
CA ARG B 236 -12.70 17.92 -6.06
C ARG B 236 -11.47 17.17 -5.59
N GLU B 237 -10.80 17.66 -4.55
N GLU B 237 -10.80 17.65 -4.55
CA GLU B 237 -9.66 16.93 -4.02
CA GLU B 237 -9.63 16.94 -4.04
C GLU B 237 -10.05 15.54 -3.52
C GLU B 237 -10.00 15.56 -3.43
N THR B 238 -11.14 15.48 -2.74
CA THR B 238 -11.61 14.20 -2.21
C THR B 238 -12.00 13.23 -3.32
N ALA B 239 -12.62 13.75 -4.39
CA ALA B 239 -12.95 12.91 -5.51
C ALA B 239 -11.71 12.39 -6.23
N LEU B 240 -10.69 13.23 -6.37
CA LEU B 240 -9.47 12.78 -7.05
C LEU B 240 -8.74 11.74 -6.19
N TYR B 241 -8.71 11.96 -4.88
CA TYR B 241 -8.20 10.97 -3.95
C TYR B 241 -8.94 9.65 -4.11
N GLY B 242 -10.27 9.71 -4.17
CA GLY B 242 -11.05 8.50 -4.45
C GLY B 242 -10.67 7.85 -5.76
N ALA B 243 -10.52 8.63 -6.82
CA ALA B 243 -10.18 8.08 -8.14
C ALA B 243 -8.83 7.36 -8.12
N TRP B 244 -7.88 7.92 -7.40
CA TRP B 244 -6.56 7.30 -7.23
C TRP B 244 -6.70 5.93 -6.58
N LEU B 245 -7.42 5.86 -5.46
CA LEU B 245 -7.54 4.57 -4.77
C LEU B 245 -8.35 3.57 -5.59
N CYS B 246 -9.40 4.03 -6.27
CA CYS B 246 -10.21 3.09 -7.09
C CYS B 246 -9.40 2.57 -8.27
N GLY B 247 -8.61 3.44 -8.89
CA GLY B 247 -7.70 3.01 -9.97
C GLY B 247 -6.67 2.02 -9.44
N THR B 248 -6.15 2.29 -8.25
CA THR B 248 -5.09 1.44 -7.70
C THR B 248 -5.61 0.00 -7.54
N VAL B 249 -6.83 -0.14 -7.03
CA VAL B 249 -7.35 -1.49 -6.81
C VAL B 249 -7.73 -2.16 -8.12
N LEU B 250 -8.17 -1.38 -9.11
CA LEU B 250 -8.34 -1.92 -10.47
C LEU B 250 -7.02 -2.53 -10.93
N GLY B 251 -5.93 -1.85 -10.61
CA GLY B 251 -4.58 -2.29 -11.00
C GLY B 251 -4.06 -3.46 -10.20
N ALA B 252 -4.63 -3.70 -9.01
CA ALA B 252 -4.04 -4.63 -8.04
C ALA B 252 -4.64 -6.05 -8.02
N VAL B 253 -5.96 -6.14 -8.20
CA VAL B 253 -6.66 -7.42 -8.02
C VAL B 253 -7.59 -7.64 -9.21
N GLY B 254 -8.13 -8.84 -9.30
CA GLY B 254 -8.95 -9.23 -10.45
C GLY B 254 -10.37 -8.73 -10.35
N MET B 255 -10.87 -8.18 -11.44
CA MET B 255 -12.27 -7.77 -11.52
C MET B 255 -13.09 -8.98 -11.96
N SER B 256 -14.41 -8.80 -12.05
CA SER B 256 -15.31 -9.93 -12.22
C SER B 256 -16.51 -9.51 -13.06
N LEU B 257 -17.68 -10.04 -12.71
CA LEU B 257 -18.90 -9.83 -13.47
C LEU B 257 -19.15 -8.41 -13.94
N HIS B 258 -19.04 -7.45 -13.02
CA HIS B 258 -19.39 -6.10 -13.43
C HIS B 258 -18.49 -5.60 -14.54
N HIS B 259 -17.19 -5.76 -14.38
CA HIS B 259 -16.28 -5.25 -15.40
C HIS B 259 -16.37 -6.06 -16.69
N LYS B 260 -16.54 -7.36 -16.58
CA LYS B 260 -16.60 -8.19 -17.79
C LYS B 260 -17.86 -7.81 -18.56
N LEU B 261 -18.96 -7.58 -17.86
CA LEU B 261 -20.20 -7.17 -18.50
C LEU B 261 -20.11 -5.80 -19.17
N CYS B 262 -19.52 -4.83 -18.49
CA CYS B 262 -19.35 -3.50 -19.08
C CYS B 262 -18.43 -3.52 -20.30
N HIS B 263 -17.35 -4.31 -20.22
N HIS B 263 -17.36 -4.32 -20.23
CA HIS B 263 -16.39 -4.44 -21.30
CA HIS B 263 -16.41 -4.38 -21.32
C HIS B 263 -17.03 -5.02 -22.54
C HIS B 263 -16.97 -5.06 -22.56
N THR B 264 -17.71 -6.15 -22.37
CA THR B 264 -18.20 -6.89 -23.52
C THR B 264 -19.38 -6.15 -24.12
N LEU B 265 -20.21 -5.61 -23.24
CA LEU B 265 -21.48 -5.05 -23.63
C LEU B 265 -21.28 -3.64 -24.20
N GLY B 266 -20.44 -2.84 -23.54
CA GLY B 266 -20.00 -1.54 -24.01
C GLY B 266 -19.17 -1.60 -25.28
N GLY B 267 -18.26 -2.57 -25.36
CA GLY B 267 -17.43 -2.79 -26.54
C GLY B 267 -18.21 -3.22 -27.78
N SER B 268 -19.13 -4.16 -27.60
N SER B 268 -19.15 -4.14 -27.60
CA SER B 268 -19.92 -4.70 -28.72
CA SER B 268 -19.89 -4.71 -28.73
C SER B 268 -20.88 -3.68 -29.30
C SER B 268 -21.01 -3.80 -29.27
N LEU B 269 -21.47 -2.86 -28.44
CA LEU B 269 -22.48 -1.88 -28.85
C LEU B 269 -21.93 -0.46 -28.91
N ASP B 270 -20.66 -0.32 -28.56
CA ASP B 270 -20.03 1.00 -28.45
C ASP B 270 -20.85 1.98 -27.61
N LEU B 271 -21.38 1.47 -26.50
CA LEU B 271 -22.17 2.25 -25.56
C LEU B 271 -21.23 3.17 -24.81
N PRO B 272 -21.73 4.35 -24.37
CA PRO B 272 -20.91 5.28 -23.60
C PRO B 272 -20.36 4.55 -22.38
N HIS B 273 -19.04 4.57 -22.25
CA HIS B 273 -18.31 3.74 -21.31
C HIS B 273 -18.65 3.96 -19.82
N ALA B 274 -18.45 5.19 -19.33
CA ALA B 274 -18.71 5.49 -17.92
C ALA B 274 -20.21 5.33 -17.63
N GLU B 275 -21.04 5.66 -18.61
CA GLU B 275 -22.47 5.59 -18.41
C GLU B 275 -22.93 4.16 -18.26
N THR B 276 -22.31 3.25 -19.02
CA THR B 276 -22.60 1.83 -18.91
C THR B 276 -22.29 1.31 -17.50
N HIS B 277 -21.13 1.72 -16.98
CA HIS B 277 -20.78 1.39 -15.60
C HIS B 277 -21.79 1.94 -14.62
N ALA B 278 -22.15 3.20 -14.78
CA ALA B 278 -23.10 3.83 -13.88
C ALA B 278 -24.44 3.11 -13.86
N VAL B 279 -24.94 2.72 -15.03
CA VAL B 279 -26.23 2.02 -15.07
C VAL B 279 -26.16 0.60 -14.48
N LEU B 280 -25.12 -0.15 -14.86
CA LEU B 280 -25.03 -1.56 -14.46
C LEU B 280 -24.62 -1.81 -13.01
N LEU B 281 -23.87 -0.89 -12.42
CA LEU B 281 -23.26 -1.19 -11.11
C LEU B 281 -24.22 -1.65 -10.02
N PRO B 282 -25.36 -0.96 -9.84
CA PRO B 282 -26.24 -1.44 -8.76
C PRO B 282 -26.69 -2.88 -8.95
N TYR B 283 -26.87 -3.29 -10.22
CA TYR B 283 -27.44 -4.61 -10.53
C TYR B 283 -26.40 -5.69 -10.43
N THR B 284 -25.21 -5.43 -10.92
CA THR B 284 -24.14 -6.42 -10.84
C THR B 284 -23.68 -6.61 -9.39
N ILE B 285 -23.58 -5.52 -8.64
CA ILE B 285 -23.24 -5.63 -7.21
C ILE B 285 -24.35 -6.36 -6.47
N ALA B 286 -25.62 -6.05 -6.75
CA ALA B 286 -26.72 -6.75 -6.09
C ALA B 286 -26.64 -8.26 -6.36
N TYR B 287 -26.29 -8.63 -7.59
CA TYR B 287 -26.20 -10.05 -8.02
C TYR B 287 -25.16 -10.77 -7.17
N VAL B 288 -23.98 -10.15 -7.03
CA VAL B 288 -22.89 -10.80 -6.30
C VAL B 288 -23.17 -10.79 -4.80
N GLU B 289 -23.78 -9.71 -4.34
CA GLU B 289 -24.13 -9.55 -2.93
C GLU B 289 -25.04 -10.63 -2.38
N GLN B 290 -25.85 -11.20 -3.27
CA GLN B 290 -26.70 -12.33 -2.88
C GLN B 290 -25.87 -13.53 -2.44
N ALA B 291 -24.67 -13.69 -3.01
CA ALA B 291 -23.80 -14.84 -2.72
C ALA B 291 -22.75 -14.57 -1.63
N VAL B 292 -22.16 -13.37 -1.63
CA VAL B 292 -21.08 -13.03 -0.69
C VAL B 292 -21.36 -11.73 0.04
N PRO B 293 -22.48 -11.69 0.78
CA PRO B 293 -22.82 -10.42 1.44
C PRO B 293 -21.77 -9.91 2.41
N ASP B 294 -21.05 -10.82 3.08
CA ASP B 294 -20.03 -10.43 4.04
C ASP B 294 -18.87 -9.66 3.42
N GLN B 295 -18.50 -10.03 2.21
CA GLN B 295 -17.39 -9.35 1.53
C GLN B 295 -17.78 -7.93 1.09
N LEU B 296 -19.07 -7.74 0.83
CA LEU B 296 -19.57 -6.44 0.42
C LEU B 296 -20.07 -5.63 1.60
N ALA B 297 -20.06 -6.21 2.80
CA ALA B 297 -20.57 -5.50 3.98
C ALA B 297 -19.93 -4.12 4.22
N PRO B 298 -18.62 -3.97 3.98
CA PRO B 298 -18.03 -2.65 4.24
C PRO B 298 -18.56 -1.58 3.30
N LEU B 299 -18.96 -1.98 2.08
CA LEU B 299 -19.63 -1.05 1.20
C LEU B 299 -21.10 -0.85 1.58
N ALA B 300 -21.81 -1.95 1.88
CA ALA B 300 -23.21 -1.84 2.29
C ALA B 300 -23.36 -0.83 3.42
N ALA B 301 -22.40 -0.85 4.34
CA ALA B 301 -22.44 0.04 5.51
C ALA B 301 -22.32 1.52 5.13
N LEU B 302 -21.77 1.82 3.95
CA LEU B 302 -21.61 3.20 3.49
C LEU B 302 -22.84 3.74 2.76
N VAL B 303 -23.75 2.84 2.35
CA VAL B 303 -24.86 3.19 1.45
C VAL B 303 -26.22 2.70 1.97
N GLY B 304 -26.33 2.54 3.28
CA GLY B 304 -27.65 2.30 3.91
C GLY B 304 -28.00 0.87 4.27
N GLY B 305 -27.05 -0.05 4.09
CA GLY B 305 -27.16 -1.41 4.64
C GLY B 305 -27.17 -2.51 3.62
N ARG B 306 -27.37 -2.15 2.36
CA ARG B 306 -27.27 -3.09 1.25
C ARG B 306 -26.51 -2.42 0.12
N ALA B 307 -25.48 -3.09 -0.36
CA ALA B 307 -24.56 -2.48 -1.35
C ALA B 307 -25.26 -2.21 -2.69
N GLY B 308 -25.96 -3.21 -3.24
CA GLY B 308 -26.55 -3.07 -4.58
C GLY B 308 -27.64 -2.02 -4.62
N THR B 309 -28.66 -2.19 -3.77
N THR B 309 -28.65 -2.19 -3.77
CA THR B 309 -29.74 -1.23 -3.69
CA THR B 309 -29.73 -1.21 -3.68
C THR B 309 -29.25 0.16 -3.19
C THR B 309 -29.17 0.15 -3.27
N GLY B 310 -28.23 0.14 -2.33
CA GLY B 310 -27.61 1.40 -1.86
C GLY B 310 -26.93 2.16 -2.99
N LEU B 311 -26.23 1.44 -3.86
CA LEU B 311 -25.61 2.07 -5.03
C LEU B 311 -26.65 2.60 -6.01
N TYR B 312 -27.78 1.93 -6.12
CA TYR B 312 -28.88 2.44 -6.96
C TYR B 312 -29.37 3.78 -6.44
N ASP B 313 -29.54 3.87 -5.12
CA ASP B 313 -30.00 5.11 -4.49
C ASP B 313 -28.95 6.19 -4.61
N PHE B 314 -27.69 5.81 -4.43
CA PHE B 314 -26.61 6.79 -4.53
C PHE B 314 -26.50 7.35 -5.96
N ALA B 315 -26.57 6.47 -6.95
CA ALA B 315 -26.47 6.90 -8.33
C ALA B 315 -27.60 7.85 -8.68
N ALA B 316 -28.80 7.57 -8.17
CA ALA B 316 -29.95 8.46 -8.44
C ALA B 316 -29.71 9.86 -7.87
N ARG B 317 -29.08 9.91 -6.71
CA ARG B 317 -28.66 11.14 -6.06
C ARG B 317 -27.74 12.03 -6.92
N LEU B 318 -26.95 11.39 -7.77
CA LEU B 318 -26.00 12.08 -8.64
C LEU B 318 -26.62 12.49 -9.98
N GLY B 319 -27.84 12.02 -10.25
CA GLY B 319 -28.50 12.29 -11.52
C GLY B 319 -27.94 11.48 -12.69
N ALA B 320 -27.28 10.35 -12.37
CA ALA B 320 -26.71 9.48 -13.38
C ALA B 320 -27.81 8.76 -14.13
N PRO B 321 -27.58 8.42 -15.41
CA PRO B 321 -28.57 7.61 -16.10
C PRO B 321 -28.81 6.32 -15.32
N ALA B 322 -30.05 5.86 -15.31
CA ALA B 322 -30.44 4.79 -14.41
C ALA B 322 -30.87 3.51 -15.11
N SER B 323 -30.98 3.56 -16.44
CA SER B 323 -31.43 2.37 -17.16
C SER B 323 -30.66 2.18 -18.46
N LEU B 324 -30.62 0.93 -18.92
CA LEU B 324 -30.06 0.66 -20.24
C LEU B 324 -30.91 1.29 -21.33
N ALA B 325 -32.22 1.41 -21.10
CA ALA B 325 -33.10 2.06 -22.06
C ALA B 325 -32.71 3.52 -22.29
N ALA B 326 -32.21 4.17 -21.24
CA ALA B 326 -31.72 5.56 -21.37
C ALA B 326 -30.43 5.68 -22.19
N LEU B 327 -29.73 4.56 -22.36
CA LEU B 327 -28.51 4.52 -23.16
C LEU B 327 -28.74 4.08 -24.60
N GLY B 328 -30.00 4.01 -25.01
CA GLY B 328 -30.35 3.68 -26.39
C GLY B 328 -30.53 2.21 -26.67
N VAL B 329 -30.40 1.38 -25.65
CA VAL B 329 -30.59 -0.07 -25.78
C VAL B 329 -32.07 -0.40 -25.96
N GLY B 330 -32.38 -1.30 -26.88
CA GLY B 330 -33.76 -1.71 -27.13
C GLY B 330 -34.01 -3.07 -26.49
N GLY B 331 -35.27 -3.33 -26.17
CA GLY B 331 -35.67 -4.63 -25.60
C GLY B 331 -35.18 -5.79 -26.43
N GLU B 332 -35.16 -5.61 -27.75
CA GLU B 332 -34.73 -6.64 -28.68
C GLU B 332 -33.21 -6.88 -28.67
N ASP B 333 -32.45 -6.04 -27.97
CA ASP B 333 -30.98 -6.18 -27.90
C ASP B 333 -30.53 -7.08 -26.76
N LEU B 334 -31.42 -7.26 -25.78
CA LEU B 334 -31.04 -7.90 -24.52
C LEU B 334 -30.60 -9.37 -24.69
N ASP B 335 -31.29 -10.11 -25.55
CA ASP B 335 -30.97 -11.51 -25.88
C ASP B 335 -29.47 -11.61 -26.28
N ALA B 336 -29.08 -10.83 -27.31
CA ALA B 336 -27.70 -10.82 -27.81
C ALA B 336 -26.68 -10.43 -26.75
N MET B 337 -27.06 -9.45 -25.93
CA MET B 337 -26.21 -9.02 -24.83
C MET B 337 -25.98 -10.15 -23.81
N ALA B 338 -27.04 -10.91 -23.51
CA ALA B 338 -26.92 -12.04 -22.59
C ALA B 338 -26.04 -13.13 -23.21
N GLU B 339 -26.15 -13.33 -24.51
CA GLU B 339 -25.29 -14.32 -25.19
C GLU B 339 -23.82 -13.88 -25.10
N LEU B 340 -23.56 -12.62 -25.43
CA LEU B 340 -22.20 -12.09 -25.36
C LEU B 340 -21.62 -12.16 -23.95
N ALA B 341 -22.47 -11.88 -22.95
CA ALA B 341 -22.06 -11.84 -21.54
C ALA B 341 -21.59 -13.21 -21.03
N THR B 342 -22.10 -14.26 -21.65
CA THR B 342 -21.84 -15.63 -21.19
C THR B 342 -21.02 -16.41 -22.21
N ALA B 343 -20.44 -15.70 -23.17
CA ALA B 343 -19.64 -16.30 -24.25
C ALA B 343 -18.24 -16.72 -23.80
N ASN B 344 -17.68 -15.96 -22.87
CA ASN B 344 -16.30 -16.14 -22.40
C ASN B 344 -16.28 -16.36 -20.88
N PRO B 345 -16.19 -17.64 -20.45
CA PRO B 345 -16.19 -18.02 -19.03
C PRO B 345 -15.05 -17.37 -18.23
N TYR B 346 -15.36 -16.97 -17.00
CA TYR B 346 -14.41 -16.32 -16.08
C TYR B 346 -14.90 -16.49 -14.64
N TRP B 347 -14.03 -16.20 -13.68
CA TRP B 347 -14.32 -16.36 -12.25
C TRP B 347 -15.22 -15.27 -11.65
N CYS B 348 -16.20 -15.71 -10.86
CA CYS B 348 -17.09 -14.83 -10.10
C CYS B 348 -17.45 -15.56 -8.81
N PRO B 349 -17.72 -14.84 -7.69
CA PRO B 349 -18.05 -15.57 -6.44
C PRO B 349 -19.40 -16.28 -6.50
N ARG B 350 -20.25 -15.85 -7.44
CA ARG B 350 -21.54 -16.48 -7.74
C ARG B 350 -21.45 -17.00 -9.16
N PRO B 351 -21.91 -18.25 -9.42
CA PRO B 351 -21.98 -18.71 -10.80
C PRO B 351 -22.63 -17.69 -11.77
N VAL B 352 -21.97 -17.44 -12.90
CA VAL B 352 -22.55 -16.56 -13.91
C VAL B 352 -23.28 -17.43 -14.89
N GLU B 353 -24.60 -17.35 -14.85
CA GLU B 353 -25.46 -18.19 -15.64
C GLU B 353 -26.38 -17.33 -16.47
N LYS B 354 -26.60 -17.74 -17.70
CA LYS B 354 -27.34 -16.93 -18.67
C LYS B 354 -28.72 -16.50 -18.17
N THR B 355 -29.49 -17.43 -17.57
CA THR B 355 -30.82 -17.11 -17.01
C THR B 355 -30.78 -15.91 -16.05
N ALA B 356 -29.88 -15.98 -15.07
CA ALA B 356 -29.70 -14.90 -14.11
C ALA B 356 -29.21 -13.61 -14.76
N ILE B 357 -28.36 -13.73 -15.78
CA ILE B 357 -27.84 -12.57 -16.52
C ILE B 357 -28.95 -11.89 -17.35
N ARG B 358 -29.84 -12.70 -17.91
CA ARG B 358 -31.02 -12.17 -18.59
C ARG B 358 -31.85 -11.32 -17.63
N ALA B 359 -32.06 -11.83 -16.42
CA ALA B 359 -32.89 -11.14 -15.43
C ALA B 359 -32.21 -9.85 -14.97
N LEU B 360 -30.90 -9.93 -14.77
CA LEU B 360 -30.11 -8.78 -14.43
C LEU B 360 -30.21 -7.72 -15.53
N LEU B 361 -30.02 -8.12 -16.79
CA LEU B 361 -30.13 -7.15 -17.88
C LEU B 361 -31.53 -6.56 -18.01
N GLN B 362 -32.57 -7.36 -17.76
CA GLN B 362 -33.93 -6.83 -17.82
C GLN B 362 -34.16 -5.78 -16.73
N ARG B 363 -33.65 -6.06 -15.53
CA ARG B 363 -33.82 -5.10 -14.43
C ARG B 363 -33.09 -3.79 -14.77
N ALA B 364 -31.88 -3.92 -15.30
CA ALA B 364 -31.09 -2.75 -15.70
C ALA B 364 -31.75 -2.01 -16.85
N PHE B 365 -32.37 -2.75 -17.77
CA PHE B 365 -33.10 -2.12 -18.86
C PHE B 365 -34.27 -1.27 -18.36
N GLU B 366 -34.99 -1.77 -17.34
CA GLU B 366 -36.15 -1.10 -16.75
C GLU B 366 -35.76 0.03 -15.79
N GLY B 367 -34.54 -0.02 -15.29
CA GLY B 367 -34.08 0.95 -14.31
C GLY B 367 -34.77 0.79 -12.98
N ALA B 368 -35.24 -0.43 -12.71
CA ALA B 368 -35.92 -0.79 -11.48
C ALA B 368 -34.94 -0.93 -10.30
N ARG B 369 -35.45 -0.78 -9.07
CA ARG B 369 -34.63 -1.02 -7.87
C ARG B 369 -34.08 -2.45 -7.88
N PRO B 370 -32.80 -2.62 -7.51
CA PRO B 370 -32.32 -3.99 -7.30
C PRO B 370 -32.86 -4.55 -6.00
S SO4 C . 12.91 -1.08 15.41
O1 SO4 C . 12.22 -0.44 14.27
O2 SO4 C . 13.29 -0.08 16.38
O3 SO4 C . 12.04 -2.06 16.03
O4 SO4 C . 14.16 -1.66 14.91
S SO4 D . 14.90 -13.75 18.86
O1 SO4 D . 15.75 -12.60 18.50
O2 SO4 D . 14.86 -14.00 20.30
O3 SO4 D . 13.55 -13.47 18.36
O4 SO4 D . 15.48 -14.95 18.21
S SO4 E . 2.68 -13.94 31.30
O1 SO4 E . 3.70 -13.21 30.54
O2 SO4 E . 2.52 -13.30 32.60
O3 SO4 E . 1.40 -13.94 30.58
O4 SO4 E . 3.09 -15.34 31.46
C1 BEN F . 10.82 -17.70 18.38
C2 BEN F . 9.72 -17.66 17.51
C3 BEN F . 8.93 -18.79 17.31
C4 BEN F . 9.25 -19.98 17.95
C5 BEN F . 10.34 -20.01 18.81
C6 BEN F . 11.15 -18.89 19.02
C BEN F . 11.63 -16.55 18.57
N1 BEN F . 11.66 -15.60 17.64
N2 BEN F . 12.35 -16.40 19.66
C1 BEN G . -0.44 -18.46 29.83
C2 BEN G . -1.80 -18.43 30.15
C3 BEN G . -2.62 -19.52 29.82
C4 BEN G . -2.09 -20.65 29.19
C5 BEN G . -0.72 -20.67 28.89
C6 BEN G . 0.09 -19.59 29.20
C BEN G . 0.38 -17.37 30.15
N1 BEN G . 0.11 -16.16 29.70
N2 BEN G . 1.45 -17.52 30.91
C1 GOL H . 16.25 -3.71 15.77
O1 GOL H . 16.46 -2.31 15.90
C2 GOL H . 17.24 -4.47 16.64
O2 GOL H . 18.55 -4.01 16.33
C3 GOL H . 17.22 -5.95 16.33
O3 GOL H . 18.04 -6.56 17.29
C1 GOL I . -7.96 4.30 29.73
O1 GOL I . -6.56 4.29 29.55
C2 GOL I . -8.51 2.92 29.99
O2 GOL I . -7.52 1.94 29.91
C3 GOL I . -9.60 2.61 28.98
O3 GOL I . -10.35 1.51 29.41
S SO4 J . -13.14 -0.29 -17.21
O1 SO4 J . -12.25 0.19 -18.28
O2 SO4 J . -13.38 0.80 -16.30
O3 SO4 J . -14.42 -0.68 -17.82
O4 SO4 J . -12.60 -1.53 -16.65
S SO4 K . -8.22 15.99 -22.40
O1 SO4 K . -8.98 16.81 -21.43
O2 SO4 K . -6.83 15.82 -21.92
O3 SO4 K . -8.30 16.70 -23.69
O4 SO4 K . -8.80 14.66 -22.49
#